data_8J3W
#
_entry.id   8J3W
#
_cell.length_a   1.00
_cell.length_b   1.00
_cell.length_c   1.00
_cell.angle_alpha   90.00
_cell.angle_beta   90.00
_cell.angle_gamma   90.00
#
_symmetry.space_group_name_H-M   'P 1'
#
loop_
_entity.id
_entity.type
_entity.pdbx_description
1 polymer 'ATP-binding cassette sub-family C member 4'
2 non-polymer '2-(ACETYLOXY)BENZOIC ACID'
#
_entity_poly.entity_id   1
_entity_poly.type   'polypeptide(L)'
_entity_poly.pdbx_seq_one_letter_code
;MLPVYQEVKPNPLQDANLCSRVFFWWLNPLFKIGHKRRLEEDDMYSVLPEDRSQHLGEELQGFWDKEVLRAENDAQKPSL
TRAIIKCYWKSYLVLGIFTLIEESAKVIQPIFLGKIINYFENYDPMDSVALNTAYAYATVLTFCTLILAILHHLYFYHVQ
CAGMRLRVAMCHMIYRKALRLSNMAMGKTTTGQIVNLLSNDVNKFDQVTVFLHFLWAGPLQAIAVTALLWMEIGISCLAG
MAVLIILLPLQSCFGKLFSSLRSKTATFTDARIRTMNEVITGIRIIKMYAWEKSFSNLITNLRKKEISKILRSSCLRGMN
LASFFSASKIIVFVTFTTYVLLGSVITASRVFVAVTLYGAVRLTVTLFFPSAIERVSEAIVSIRRIQTFLLLDEISQRNR
QLPSDGKKMVHVQDFTAFWDKASETPTLQGLSFTVRPGELLAVVGPVGAGKSSLLSAVLGELAPSHGLVSVHGRIAYVSQ
QPWVFSGTLRSNILFGKKYEKERYEKVIKACALKKDLQLLEDGDLTVIGDRGTTLSGGQKARVNLARAVYQDADIYLLDD
PLSAVDAEVSRHLFELCICQILHEKITILVTHQLQYLKAASQILILKDGKMVQKGTYTEFLKSGIDFGSLLKKDNEESEQ
PPVPGTPTLRNRTFSESSVWSQQSSRPSLKDGALESQDTENVPVTLSEENRSEGKVGFQAYKNYFRAGAHWIVFIFLILL
NTAAQVAYVLQDWWLSYWANKQSMLNVTVNGGGNVTEKLDLNWYLGIYSGLTVATVLFGIARSLLVFYVLVNSSQTLHNK
MFESILKAPVLFFDRNPIGRILNRFSKDIGHLDDLLPLTFLDFIQTLLQVVGVVSVAVAVIPWIAIPLVPLGIIFIFLRR
YFLETSRDVKRLESTTRSPVFSHLSSSLQGLWTIRAYKAEERCQELFDAHQDLHSEAWFLFLTTSRWFAVRLDAICAMFV
IIVAFGSLILAKTLDAGQVGLALSYALTLMGMFQWCVRQSAEVENMMISVERVIEYTDLEKEAPWEYQKRPPPAWPHEGV
IIFDNVNFMYSPGGPLVLKHLTALIKSQEKVGIVGRTGAGKSSLISALFRLSEPEGKIWIDKILTTEIGLHDLRKKMSII
PQEPVLFTGTMRKNLDPFNEHTDEELWNALQEVQLKETIEDLPGKMDTELAESGSNFSVGQRQLVCLARAILRKNQILII
DEATANVDPRTDELIQKKIREKFAHCTVLTIAHRLNTIIDSDKIMVLDSGRLKEYDEPYVLLQNKESLFYKMVQQLGKAE
AAALTETAKQVYFKRNYPHIGHTDHMVTNTSNGQPSTLTIFETAL
;
_entity_poly.pdbx_strand_id   A
#
loop_
_chem_comp.id
_chem_comp.type
_chem_comp.name
_chem_comp.formula
AIN non-polymer '2-(ACETYLOXY)BENZOIC ACID' 'C9 H8 O4'
#
# COMPACT_ATOMS: atom_id res chain seq x y z
N LYS A 9 0.71 -26.15 18.40
CA LYS A 9 -0.70 -26.01 18.10
C LYS A 9 -1.16 -27.11 17.15
N PRO A 10 -1.83 -28.15 17.67
CA PRO A 10 -2.22 -29.26 16.80
C PRO A 10 -3.09 -28.78 15.64
N ASN A 11 -3.02 -29.51 14.54
CA ASN A 11 -3.68 -29.11 13.30
C ASN A 11 -4.67 -30.19 12.90
N PRO A 12 -5.96 -30.05 13.24
CA PRO A 12 -6.92 -31.12 12.97
C PRO A 12 -6.83 -31.76 11.60
N LEU A 13 -6.30 -31.04 10.61
CA LEU A 13 -6.10 -31.65 9.30
C LEU A 13 -5.07 -32.78 9.37
N GLN A 14 -4.11 -32.69 10.29
CA GLN A 14 -3.11 -33.74 10.44
C GLN A 14 -3.77 -35.09 10.67
N ASP A 15 -4.80 -35.14 11.51
CA ASP A 15 -5.40 -36.39 11.93
C ASP A 15 -6.91 -36.40 11.71
N ALA A 16 -7.35 -36.00 10.52
CA ALA A 16 -8.75 -36.03 10.15
C ALA A 16 -8.94 -36.97 8.97
N ASN A 17 -10.03 -37.76 9.03
CA ASN A 17 -10.29 -38.75 8.01
C ASN A 17 -10.75 -38.07 6.72
N LEU A 18 -11.06 -38.89 5.71
CA LEU A 18 -11.38 -38.34 4.39
C LEU A 18 -12.68 -37.55 4.42
N CYS A 19 -13.70 -38.07 5.11
CA CYS A 19 -14.95 -37.32 5.22
C CYS A 19 -14.74 -35.97 5.89
N SER A 20 -14.10 -35.96 7.05
CA SER A 20 -13.84 -34.72 7.75
C SER A 20 -12.69 -33.95 7.15
N ARG A 21 -12.24 -34.33 5.94
CA ARG A 21 -11.31 -33.52 5.19
C ARG A 21 -11.96 -32.91 3.97
N VAL A 22 -12.84 -33.67 3.30
CA VAL A 22 -13.59 -33.15 2.18
C VAL A 22 -14.67 -32.17 2.62
N PHE A 23 -15.26 -32.38 3.80
CA PHE A 23 -16.26 -31.45 4.31
C PHE A 23 -15.67 -30.41 5.25
N PHE A 24 -14.35 -30.41 5.44
CA PHE A 24 -13.68 -29.47 6.33
C PHE A 24 -14.32 -29.44 7.71
N TRP A 25 -14.89 -30.58 8.13
CA TRP A 25 -15.34 -30.73 9.51
C TRP A 25 -14.21 -30.42 10.47
N TRP A 26 -12.98 -30.78 10.11
CA TRP A 26 -11.83 -30.57 10.99
C TRP A 26 -11.68 -29.10 11.35
N LEU A 27 -12.35 -28.21 10.63
CA LEU A 27 -12.17 -26.78 10.83
C LEU A 27 -13.32 -26.15 11.60
N ASN A 28 -14.35 -26.92 11.94
CA ASN A 28 -15.50 -26.36 12.66
C ASN A 28 -15.07 -25.81 14.00
N PRO A 29 -14.33 -26.57 14.82
CA PRO A 29 -13.91 -26.07 16.13
C PRO A 29 -13.37 -24.64 16.11
N LEU A 30 -12.82 -24.21 14.97
CA LEU A 30 -12.35 -22.85 14.84
C LEU A 30 -13.49 -21.85 14.71
N PHE A 31 -14.51 -22.18 13.92
CA PHE A 31 -15.63 -21.26 13.75
C PHE A 31 -16.36 -21.04 15.06
N LYS A 32 -16.56 -22.10 15.84
CA LYS A 32 -17.19 -21.94 17.15
C LYS A 32 -16.33 -21.08 18.08
N ILE A 33 -15.05 -20.88 17.73
CA ILE A 33 -14.21 -19.97 18.50
C ILE A 33 -14.23 -18.56 17.93
N GLY A 34 -14.59 -18.40 16.65
CA GLY A 34 -14.62 -17.09 16.03
C GLY A 34 -15.97 -16.45 16.17
N HIS A 35 -17.02 -17.27 16.12
CA HIS A 35 -18.37 -16.78 16.35
C HIS A 35 -18.46 -16.06 17.69
N LYS A 36 -17.95 -16.67 18.75
CA LYS A 36 -18.04 -16.07 20.08
C LYS A 36 -17.18 -14.82 20.17
N ARG A 37 -15.91 -14.91 19.75
CA ARG A 37 -14.95 -13.83 19.96
C ARG A 37 -13.96 -13.76 18.82
N ARG A 38 -13.06 -12.78 18.91
CA ARG A 38 -12.11 -12.51 17.84
C ARG A 38 -10.96 -13.51 17.87
N LEU A 39 -10.53 -13.93 16.70
CA LEU A 39 -9.39 -14.84 16.56
C LEU A 39 -8.08 -14.07 16.52
N GLU A 40 -7.17 -14.45 17.42
CA GLU A 40 -5.83 -13.90 17.45
C GLU A 40 -4.86 -14.95 16.90
N GLU A 41 -3.58 -14.60 16.89
CA GLU A 41 -2.58 -15.47 16.28
C GLU A 41 -2.51 -16.82 16.98
N ASP A 42 -2.54 -16.81 18.32
CA ASP A 42 -2.33 -18.05 19.06
C ASP A 42 -3.43 -19.06 18.78
N ASP A 43 -4.54 -18.62 18.19
CA ASP A 43 -5.66 -19.53 17.96
C ASP A 43 -5.55 -20.21 16.59
N MET A 44 -4.61 -19.79 15.75
CA MET A 44 -4.47 -20.44 14.45
C MET A 44 -3.83 -21.82 14.62
N TYR A 45 -4.22 -22.74 13.75
CA TYR A 45 -3.61 -24.06 13.73
C TYR A 45 -2.16 -23.95 13.29
N SER A 46 -1.48 -25.10 13.28
CA SER A 46 -0.12 -25.17 12.78
C SER A 46 -0.10 -25.83 11.41
N VAL A 47 0.90 -25.49 10.62
CA VAL A 47 1.00 -25.99 9.26
C VAL A 47 1.55 -27.41 9.28
N LEU A 48 1.00 -28.25 8.41
CA LEU A 48 1.38 -29.65 8.34
C LEU A 48 2.90 -29.79 8.24
N PRO A 49 3.46 -30.94 8.60
CA PRO A 49 4.91 -31.11 8.46
C PRO A 49 5.40 -30.96 7.02
N GLU A 50 4.56 -31.25 6.04
CA GLU A 50 4.94 -31.14 4.64
C GLU A 50 4.59 -29.77 4.06
N ASP A 51 4.46 -28.75 4.91
CA ASP A 51 4.21 -27.39 4.46
C ASP A 51 5.06 -26.38 5.22
N ARG A 52 5.96 -26.85 6.07
CA ARG A 52 6.87 -25.95 6.76
C ARG A 52 7.66 -25.15 5.73
N SER A 53 8.24 -24.04 6.16
CA SER A 53 9.03 -23.25 5.22
C SER A 53 10.31 -23.99 4.82
N GLN A 54 10.98 -24.59 5.81
CA GLN A 54 12.24 -25.26 5.52
C GLN A 54 12.03 -26.40 4.54
N HIS A 55 11.30 -27.44 4.95
CA HIS A 55 11.11 -28.61 4.09
C HIS A 55 10.88 -28.21 2.64
N LEU A 56 9.95 -27.28 2.40
CA LEU A 56 9.64 -26.88 1.03
C LEU A 56 10.83 -26.21 0.36
N GLY A 57 11.41 -25.21 1.03
CA GLY A 57 12.50 -24.47 0.42
C GLY A 57 13.72 -25.32 0.17
N GLU A 58 14.04 -26.23 1.10
CA GLU A 58 15.16 -27.14 0.92
C GLU A 58 14.92 -28.13 -0.20
N GLU A 59 13.70 -28.67 -0.34
CA GLU A 59 13.45 -29.55 -1.48
C GLU A 59 13.63 -28.79 -2.79
N LEU A 60 13.06 -27.60 -2.89
CA LEU A 60 13.16 -26.87 -4.14
C LEU A 60 14.59 -26.42 -4.41
N GLN A 61 15.33 -26.03 -3.37
CA GLN A 61 16.73 -25.68 -3.54
C GLN A 61 17.56 -26.87 -3.94
N GLY A 62 17.28 -28.06 -3.41
CA GLY A 62 17.98 -29.24 -3.87
C GLY A 62 17.76 -29.49 -5.34
N PHE A 63 16.50 -29.42 -5.77
CA PHE A 63 16.21 -29.60 -7.20
C PHE A 63 16.85 -28.52 -8.05
N TRP A 64 16.85 -27.27 -7.58
CA TRP A 64 17.37 -26.17 -8.39
C TRP A 64 18.90 -26.19 -8.45
N ASP A 65 19.55 -26.56 -7.35
CA ASP A 65 20.99 -26.77 -7.38
C ASP A 65 21.34 -27.90 -8.32
N LYS A 66 20.57 -28.99 -8.28
CA LYS A 66 20.78 -30.07 -9.23
C LYS A 66 20.65 -29.57 -10.66
N GLU A 67 19.65 -28.73 -10.92
CA GLU A 67 19.41 -28.28 -12.29
C GLU A 67 20.49 -27.31 -12.77
N VAL A 68 20.94 -26.40 -11.91
CA VAL A 68 22.03 -25.51 -12.32
C VAL A 68 23.32 -26.28 -12.50
N LEU A 69 23.58 -27.28 -11.64
CA LEU A 69 24.74 -28.13 -11.85
C LEU A 69 24.67 -28.83 -13.20
N ARG A 70 23.51 -29.41 -13.52
CA ARG A 70 23.33 -30.08 -14.80
C ARG A 70 23.49 -29.12 -15.97
N ALA A 71 22.95 -27.91 -15.86
CA ALA A 71 23.06 -26.94 -16.94
C ALA A 71 24.50 -26.49 -17.14
N GLU A 72 25.20 -26.13 -16.06
CA GLU A 72 26.60 -25.77 -16.18
C GLU A 72 27.42 -26.92 -16.75
N ASN A 73 27.04 -28.16 -16.43
CA ASN A 73 27.63 -29.31 -17.10
C ASN A 73 27.34 -29.29 -18.59
N ASP A 74 26.12 -28.94 -18.98
CA ASP A 74 25.76 -28.75 -20.38
C ASP A 74 26.18 -27.39 -20.92
N ALA A 75 26.67 -26.49 -20.06
CA ALA A 75 27.13 -25.17 -20.47
C ALA A 75 26.03 -24.43 -21.24
N GLN A 76 24.86 -24.36 -20.64
CA GLN A 76 23.73 -23.64 -21.20
C GLN A 76 23.03 -22.88 -20.08
N LYS A 77 22.27 -21.86 -20.45
CA LYS A 77 21.61 -21.04 -19.45
C LYS A 77 20.74 -21.92 -18.55
N PRO A 78 20.92 -21.87 -17.23
CA PRO A 78 20.11 -22.73 -16.36
C PRO A 78 18.70 -22.18 -16.19
N SER A 79 17.73 -23.10 -16.19
CA SER A 79 16.32 -22.76 -16.14
C SER A 79 15.80 -23.01 -14.73
N LEU A 80 15.03 -22.05 -14.21
CA LEU A 80 14.41 -22.24 -12.90
C LEU A 80 13.08 -22.98 -13.05
N THR A 81 12.34 -22.69 -14.12
CA THR A 81 11.10 -23.41 -14.39
C THR A 81 11.32 -24.92 -14.39
N ARG A 82 12.48 -25.37 -14.86
CA ARG A 82 12.75 -26.81 -14.83
C ARG A 82 12.87 -27.31 -13.40
N ALA A 83 13.56 -26.56 -12.55
CA ALA A 83 13.67 -26.95 -11.15
C ALA A 83 12.30 -27.02 -10.50
N ILE A 84 11.46 -26.01 -10.73
CA ILE A 84 10.10 -26.05 -10.21
C ILE A 84 9.38 -27.29 -10.70
N ILE A 85 9.28 -27.45 -12.02
CA ILE A 85 8.48 -28.52 -12.59
C ILE A 85 8.96 -29.88 -12.13
N LYS A 86 10.27 -30.03 -11.88
CA LYS A 86 10.77 -31.29 -11.36
C LYS A 86 10.40 -31.46 -9.89
N CYS A 87 10.41 -30.37 -9.13
CA CYS A 87 10.08 -30.46 -7.72
C CYS A 87 8.59 -30.69 -7.51
N TYR A 88 7.75 -30.13 -8.38
CA TYR A 88 6.30 -30.13 -8.20
C TYR A 88 5.58 -30.70 -9.42
N TRP A 89 6.01 -31.86 -9.90
CA TRP A 89 5.21 -32.62 -10.85
C TRP A 89 4.51 -33.81 -10.19
N LYS A 90 5.08 -34.36 -9.13
CA LYS A 90 4.45 -35.48 -8.44
C LYS A 90 3.12 -35.07 -7.83
N SER A 91 3.12 -33.98 -7.05
CA SER A 91 1.89 -33.50 -6.45
C SER A 91 0.97 -32.88 -7.50
N TYR A 92 1.53 -32.03 -8.35
CA TYR A 92 0.67 -31.21 -9.17
C TYR A 92 0.21 -31.94 -10.43
N LEU A 93 0.51 -33.24 -10.52
CA LEU A 93 -0.08 -34.11 -11.52
C LEU A 93 -1.20 -34.97 -10.96
N VAL A 94 -1.09 -35.43 -9.72
CA VAL A 94 -2.26 -36.00 -9.08
C VAL A 94 -3.33 -34.94 -8.91
N LEU A 95 -2.94 -33.69 -8.66
CA LEU A 95 -3.93 -32.60 -8.69
C LEU A 95 -4.63 -32.54 -10.04
N GLY A 96 -3.86 -32.62 -11.12
CA GLY A 96 -4.46 -32.62 -12.44
C GLY A 96 -5.36 -33.82 -12.66
N ILE A 97 -5.07 -34.93 -12.00
CA ILE A 97 -5.93 -36.10 -12.13
C ILE A 97 -7.35 -35.77 -11.67
N PHE A 98 -7.49 -35.10 -10.53
CA PHE A 98 -8.81 -34.66 -10.10
C PHE A 98 -9.33 -33.52 -10.95
N THR A 99 -8.44 -32.66 -11.47
CA THR A 99 -8.90 -31.66 -12.43
C THR A 99 -9.65 -32.34 -13.58
N LEU A 100 -9.13 -33.48 -14.03
CA LEU A 100 -9.79 -34.21 -15.11
C LEU A 100 -11.15 -34.73 -14.67
N ILE A 101 -11.21 -35.37 -13.49
CA ILE A 101 -12.48 -35.92 -13.01
C ILE A 101 -13.47 -34.85 -12.59
N GLU A 102 -13.03 -33.59 -12.56
CA GLU A 102 -13.91 -32.47 -12.26
C GLU A 102 -14.42 -31.79 -13.52
N GLU A 103 -13.54 -31.46 -14.46
CA GLU A 103 -13.99 -30.90 -15.71
C GLU A 103 -14.76 -31.91 -16.55
N SER A 104 -14.46 -33.19 -16.45
CA SER A 104 -15.28 -34.20 -17.09
C SER A 104 -16.66 -34.30 -16.45
N ALA A 105 -16.78 -34.04 -15.16
CA ALA A 105 -18.10 -33.87 -14.56
C ALA A 105 -18.79 -32.65 -15.14
N LYS A 106 -18.11 -31.51 -15.14
CA LYS A 106 -18.68 -30.29 -15.73
C LYS A 106 -19.22 -30.56 -17.13
N VAL A 107 -18.53 -31.40 -17.90
CA VAL A 107 -18.91 -31.63 -19.29
C VAL A 107 -19.93 -32.75 -19.47
N ILE A 108 -19.99 -33.72 -18.57
CA ILE A 108 -20.89 -34.86 -18.72
C ILE A 108 -22.23 -34.55 -18.09
N GLN A 109 -22.21 -33.81 -16.98
CA GLN A 109 -23.40 -33.44 -16.22
C GLN A 109 -24.50 -32.90 -17.12
N PRO A 110 -24.21 -31.96 -18.03
CA PRO A 110 -25.21 -31.59 -19.02
C PRO A 110 -25.80 -32.77 -19.77
N ILE A 111 -24.99 -33.80 -20.03
CA ILE A 111 -25.50 -34.97 -20.75
C ILE A 111 -26.38 -35.84 -19.87
N PHE A 112 -26.47 -35.53 -18.58
CA PHE A 112 -27.43 -36.15 -17.68
C PHE A 112 -28.68 -35.29 -17.55
N LEU A 113 -28.50 -33.97 -17.51
CA LEU A 113 -29.65 -33.08 -17.66
C LEU A 113 -30.43 -33.42 -18.91
N GLY A 114 -29.72 -33.71 -19.99
CA GLY A 114 -30.39 -34.09 -21.23
C GLY A 114 -31.31 -35.28 -21.06
N LYS A 115 -30.84 -36.29 -20.32
CA LYS A 115 -31.62 -37.52 -20.18
C LYS A 115 -32.69 -37.41 -19.10
N ILE A 116 -32.61 -36.42 -18.21
CA ILE A 116 -33.77 -36.08 -17.39
C ILE A 116 -34.85 -35.43 -18.25
N ILE A 117 -34.47 -34.38 -18.98
CA ILE A 117 -35.45 -33.66 -19.78
C ILE A 117 -35.98 -34.55 -20.89
N ASN A 118 -35.24 -35.59 -21.28
CA ASN A 118 -35.72 -36.50 -22.31
C ASN A 118 -36.78 -37.46 -21.79
N TYR A 119 -36.67 -37.86 -20.52
CA TYR A 119 -37.78 -38.57 -19.90
C TYR A 119 -38.99 -37.65 -19.78
N PHE A 120 -38.75 -36.38 -19.50
CA PHE A 120 -39.86 -35.43 -19.48
C PHE A 120 -40.50 -35.24 -20.85
N GLU A 121 -39.73 -35.29 -21.93
CA GLU A 121 -40.33 -35.10 -23.25
C GLU A 121 -41.32 -36.20 -23.57
N ASN A 122 -40.96 -37.46 -23.30
CA ASN A 122 -41.78 -38.61 -23.63
C ASN A 122 -42.48 -39.19 -22.40
N TYR A 123 -42.86 -38.31 -21.46
CA TYR A 123 -43.37 -38.78 -20.19
C TYR A 123 -44.61 -39.64 -20.37
N ASP A 124 -44.62 -40.80 -19.72
CA ASP A 124 -45.77 -41.69 -19.68
C ASP A 124 -45.93 -42.14 -18.24
N PRO A 125 -47.06 -41.86 -17.58
CA PRO A 125 -47.17 -42.22 -16.16
C PRO A 125 -46.99 -43.71 -15.88
N MET A 126 -47.42 -44.57 -16.81
CA MET A 126 -47.39 -46.01 -16.55
C MET A 126 -45.98 -46.57 -16.56
N ASP A 127 -45.12 -46.10 -17.48
CA ASP A 127 -43.80 -46.69 -17.66
C ASP A 127 -42.90 -46.25 -16.49
N SER A 128 -43.08 -46.94 -15.36
CA SER A 128 -42.30 -46.64 -14.18
C SER A 128 -40.83 -47.04 -14.32
N VAL A 129 -40.48 -47.87 -15.29
CA VAL A 129 -39.07 -48.17 -15.53
C VAL A 129 -38.37 -46.96 -16.12
N ALA A 130 -39.03 -46.26 -17.05
CA ALA A 130 -38.49 -45.00 -17.53
C ALA A 130 -38.39 -43.99 -16.40
N LEU A 131 -39.38 -43.96 -15.52
CA LEU A 131 -39.30 -43.12 -14.33
C LEU A 131 -38.06 -43.47 -13.50
N ASN A 132 -37.80 -44.77 -13.31
CA ASN A 132 -36.67 -45.17 -12.48
C ASN A 132 -35.34 -44.83 -13.14
N THR A 133 -35.25 -44.95 -14.47
CA THR A 133 -34.03 -44.52 -15.15
C THR A 133 -33.86 -43.01 -15.10
N ALA A 134 -34.97 -42.27 -15.14
CA ALA A 134 -34.89 -40.82 -14.94
C ALA A 134 -34.38 -40.49 -13.54
N TYR A 135 -34.84 -41.24 -12.53
CA TYR A 135 -34.28 -41.09 -11.19
C TYR A 135 -32.82 -41.48 -11.15
N ALA A 136 -32.41 -42.46 -11.94
CA ALA A 136 -31.00 -42.84 -12.01
C ALA A 136 -30.17 -41.71 -12.57
N TYR A 137 -30.63 -41.08 -13.65
CA TYR A 137 -29.91 -39.95 -14.22
C TYR A 137 -29.94 -38.75 -13.27
N ALA A 138 -31.04 -38.54 -12.55
CA ALA A 138 -31.06 -37.49 -11.53
C ALA A 138 -30.05 -37.79 -10.43
N THR A 139 -29.92 -39.05 -10.04
CA THR A 139 -28.97 -39.42 -8.98
C THR A 139 -27.54 -39.23 -9.45
N VAL A 140 -27.24 -39.63 -10.68
CA VAL A 140 -25.89 -39.39 -11.21
C VAL A 140 -25.66 -37.90 -11.45
N LEU A 141 -26.73 -37.15 -11.74
CA LEU A 141 -26.61 -35.70 -11.83
C LEU A 141 -26.22 -35.12 -10.50
N THR A 142 -26.84 -35.59 -9.41
CA THR A 142 -26.42 -35.18 -8.09
C THR A 142 -25.01 -35.64 -7.78
N PHE A 143 -24.62 -36.81 -8.29
CA PHE A 143 -23.25 -37.29 -8.10
C PHE A 143 -22.26 -36.33 -8.75
N CYS A 144 -22.55 -35.92 -9.98
CA CYS A 144 -21.70 -34.95 -10.68
C CYS A 144 -21.69 -33.62 -9.94
N THR A 145 -22.87 -33.14 -9.54
CA THR A 145 -22.94 -31.85 -8.85
C THR A 145 -22.23 -31.93 -7.51
N LEU A 146 -22.05 -33.15 -6.98
CA LEU A 146 -21.44 -33.28 -5.67
C LEU A 146 -19.93 -33.44 -5.77
N ILE A 147 -19.45 -34.20 -6.77
CA ILE A 147 -18.01 -34.21 -7.05
C ILE A 147 -17.57 -32.90 -7.67
N LEU A 148 -18.52 -32.03 -8.02
CA LEU A 148 -18.25 -30.69 -8.50
C LEU A 148 -18.43 -29.63 -7.43
N ALA A 149 -19.26 -29.90 -6.42
CA ALA A 149 -19.70 -28.92 -5.43
C ALA A 149 -19.21 -29.24 -4.03
N ILE A 150 -19.07 -30.52 -3.71
CA ILE A 150 -18.56 -30.94 -2.40
C ILE A 150 -17.09 -31.30 -2.48
N LEU A 151 -16.71 -32.14 -3.45
CA LEU A 151 -15.33 -32.59 -3.57
C LEU A 151 -14.44 -31.59 -4.28
N HIS A 152 -15.00 -30.69 -5.09
CA HIS A 152 -14.20 -29.64 -5.69
C HIS A 152 -13.42 -28.84 -4.66
N HIS A 153 -13.77 -28.89 -3.38
CA HIS A 153 -13.20 -27.94 -2.44
C HIS A 153 -11.95 -28.49 -1.77
N LEU A 154 -11.91 -29.79 -1.51
CA LEU A 154 -10.65 -30.41 -1.15
C LEU A 154 -9.65 -30.29 -2.30
N TYR A 155 -10.11 -30.54 -3.52
CA TYR A 155 -9.25 -30.38 -4.70
C TYR A 155 -8.74 -28.94 -4.82
N PHE A 156 -9.63 -27.96 -4.67
CA PHE A 156 -9.22 -26.57 -4.81
C PHE A 156 -8.30 -26.15 -3.69
N TYR A 157 -8.57 -26.59 -2.46
CA TYR A 157 -7.61 -26.40 -1.40
C TYR A 157 -6.25 -26.95 -1.79
N HIS A 158 -6.21 -28.13 -2.40
CA HIS A 158 -4.93 -28.73 -2.70
C HIS A 158 -4.21 -28.03 -3.85
N VAL A 159 -4.96 -27.49 -4.81
CA VAL A 159 -4.36 -26.69 -5.86
C VAL A 159 -3.76 -25.41 -5.28
N GLN A 160 -4.55 -24.69 -4.49
CA GLN A 160 -4.02 -23.52 -3.80
C GLN A 160 -2.89 -23.88 -2.86
N CYS A 161 -2.88 -25.12 -2.35
CA CYS A 161 -1.80 -25.56 -1.48
C CYS A 161 -0.52 -25.83 -2.26
N ALA A 162 -0.64 -26.37 -3.47
CA ALA A 162 0.52 -26.47 -4.35
C ALA A 162 1.06 -25.08 -4.65
N GLY A 163 0.18 -24.13 -4.94
CA GLY A 163 0.62 -22.76 -5.13
C GLY A 163 1.29 -22.18 -3.91
N MET A 164 0.73 -22.43 -2.72
CA MET A 164 1.32 -21.96 -1.48
C MET A 164 2.68 -22.59 -1.25
N ARG A 165 2.82 -23.88 -1.55
CA ARG A 165 4.09 -24.55 -1.35
C ARG A 165 5.14 -23.99 -2.30
N LEU A 166 4.74 -23.73 -3.56
CA LEU A 166 5.67 -23.12 -4.49
C LEU A 166 6.09 -21.74 -4.01
N ARG A 167 5.13 -20.93 -3.54
CA ARG A 167 5.46 -19.60 -3.05
C ARG A 167 6.39 -19.68 -1.85
N VAL A 168 6.14 -20.61 -0.93
CA VAL A 168 6.92 -20.68 0.29
C VAL A 168 8.33 -21.18 0.00
N ALA A 169 8.45 -22.21 -0.85
CA ALA A 169 9.77 -22.66 -1.24
C ALA A 169 10.54 -21.55 -1.95
N MET A 170 9.87 -20.82 -2.84
CA MET A 170 10.55 -19.77 -3.57
C MET A 170 10.98 -18.64 -2.63
N CYS A 171 10.14 -18.30 -1.66
CA CYS A 171 10.55 -17.31 -0.67
C CYS A 171 11.73 -17.80 0.14
N HIS A 172 11.73 -19.07 0.54
CA HIS A 172 12.87 -19.59 1.29
C HIS A 172 14.15 -19.50 0.48
N MET A 173 14.12 -19.94 -0.78
CA MET A 173 15.30 -19.82 -1.63
C MET A 173 15.71 -18.36 -1.75
N ILE A 174 14.81 -17.52 -2.29
CA ILE A 174 15.09 -16.10 -2.44
C ILE A 174 15.77 -15.55 -1.20
N TYR A 175 15.29 -15.92 -0.02
CA TYR A 175 15.91 -15.43 1.21
C TYR A 175 17.31 -15.99 1.39
N ARG A 176 17.51 -17.28 1.11
CA ARG A 176 18.84 -17.87 1.25
C ARG A 176 19.84 -17.20 0.32
N LYS A 177 19.47 -17.05 -0.95
CA LYS A 177 20.33 -16.34 -1.89
C LYS A 177 20.58 -14.91 -1.41
N ALA A 178 19.53 -14.17 -1.08
CA ALA A 178 19.70 -12.80 -0.59
C ALA A 178 20.72 -12.77 0.53
N LEU A 179 20.70 -13.79 1.40
CA LEU A 179 21.73 -13.89 2.43
C LEU A 179 23.10 -14.08 1.80
N ARG A 180 23.20 -14.92 0.77
CA ARG A 180 24.51 -15.24 0.20
C ARG A 180 24.89 -14.35 -0.98
N LEU A 181 24.17 -13.27 -1.23
CA LEU A 181 24.54 -12.37 -2.33
C LEU A 181 25.82 -11.63 -2.01
N SER A 182 26.63 -11.37 -3.03
CA SER A 182 27.84 -10.58 -2.87
C SER A 182 27.56 -9.11 -3.13
N ASN A 183 28.39 -8.25 -2.54
CA ASN A 183 28.20 -6.81 -2.73
C ASN A 183 28.15 -6.45 -4.21
N MET A 184 29.00 -7.09 -5.02
CA MET A 184 28.93 -6.88 -6.46
C MET A 184 27.52 -7.15 -6.97
N ALA A 185 26.86 -8.17 -6.43
CA ALA A 185 25.48 -8.47 -6.82
C ALA A 185 24.47 -7.64 -6.05
N MET A 186 24.79 -7.26 -4.81
CA MET A 186 23.82 -6.58 -3.96
C MET A 186 23.69 -5.11 -4.31
N GLY A 187 24.80 -4.36 -4.26
CA GLY A 187 24.77 -2.96 -4.60
C GLY A 187 24.19 -2.68 -5.96
N LYS A 188 24.33 -3.61 -6.90
CA LYS A 188 23.68 -3.46 -8.19
C LYS A 188 22.18 -3.27 -8.03
N THR A 189 21.53 -4.16 -7.29
CA THR A 189 20.11 -4.08 -7.03
C THR A 189 19.87 -3.30 -5.74
N THR A 190 18.59 -3.18 -5.37
CA THR A 190 18.19 -2.47 -4.16
C THR A 190 17.28 -3.37 -3.34
N THR A 191 17.32 -3.18 -2.01
CA THR A 191 16.51 -3.99 -1.12
C THR A 191 15.06 -4.03 -1.57
N GLY A 192 14.57 -2.94 -2.16
CA GLY A 192 13.23 -2.93 -2.71
C GLY A 192 13.03 -3.87 -3.87
N GLN A 193 14.02 -3.98 -4.77
CA GLN A 193 13.92 -4.91 -5.89
C GLN A 193 13.81 -6.35 -5.41
N ILE A 194 14.30 -6.63 -4.21
CA ILE A 194 14.18 -7.96 -3.63
C ILE A 194 12.85 -8.12 -2.89
N VAL A 195 12.58 -7.23 -1.93
CA VAL A 195 11.33 -7.28 -1.19
C VAL A 195 10.12 -7.29 -2.10
N ASN A 196 10.21 -6.69 -3.29
CA ASN A 196 9.14 -6.85 -4.28
C ASN A 196 9.17 -8.20 -4.95
N LEU A 197 10.31 -8.90 -4.90
CA LEU A 197 10.36 -10.27 -5.37
C LEU A 197 9.45 -11.15 -4.52
N LEU A 198 9.44 -10.92 -3.21
CA LEU A 198 8.54 -11.65 -2.32
C LEU A 198 7.13 -11.07 -2.35
N SER A 199 7.00 -9.75 -2.28
CA SER A 199 5.70 -9.11 -2.14
C SER A 199 4.79 -9.40 -3.32
N ASN A 200 5.16 -8.91 -4.50
CA ASN A 200 4.28 -8.97 -5.67
C ASN A 200 4.72 -10.00 -6.69
N ASP A 201 5.93 -10.53 -6.59
CA ASP A 201 6.52 -11.33 -7.65
C ASP A 201 6.47 -12.82 -7.39
N VAL A 202 6.56 -13.26 -6.13
CA VAL A 202 6.39 -14.68 -5.82
C VAL A 202 4.95 -15.00 -5.49
N ASN A 203 4.16 -13.99 -5.12
CA ASN A 203 2.72 -14.14 -4.98
C ASN A 203 2.03 -14.51 -6.28
N LYS A 204 2.78 -14.57 -7.38
CA LYS A 204 2.26 -15.08 -8.63
C LYS A 204 2.21 -16.61 -8.64
N PHE A 205 2.74 -17.25 -7.60
CA PHE A 205 2.68 -18.70 -7.51
C PHE A 205 1.49 -19.17 -6.68
N ASP A 206 0.82 -18.25 -5.98
CA ASP A 206 -0.43 -18.62 -5.32
C ASP A 206 -1.54 -18.83 -6.34
N GLN A 207 -1.49 -18.12 -7.46
CA GLN A 207 -2.57 -18.13 -8.42
C GLN A 207 -2.27 -18.96 -9.67
N VAL A 208 -1.00 -19.07 -10.07
CA VAL A 208 -0.70 -19.82 -11.28
C VAL A 208 -1.25 -21.23 -11.18
N THR A 209 -1.00 -21.90 -10.06
CA THR A 209 -1.47 -23.27 -9.87
C THR A 209 -2.98 -23.35 -9.89
N VAL A 210 -3.66 -22.27 -9.49
CA VAL A 210 -5.13 -22.29 -9.42
C VAL A 210 -5.71 -22.69 -10.77
N PHE A 211 -5.23 -22.05 -11.85
CA PHE A 211 -5.74 -22.30 -13.19
C PHE A 211 -4.67 -22.91 -14.11
N LEU A 212 -3.50 -23.23 -13.55
CA LEU A 212 -2.45 -23.79 -14.38
C LEU A 212 -2.81 -25.16 -14.94
N HIS A 213 -3.97 -25.73 -14.55
CA HIS A 213 -4.45 -26.93 -15.22
C HIS A 213 -5.54 -26.64 -16.23
N PHE A 214 -5.93 -25.38 -16.40
CA PHE A 214 -6.78 -25.01 -17.51
C PHE A 214 -5.99 -24.68 -18.76
N LEU A 215 -4.67 -24.70 -18.69
CA LEU A 215 -3.86 -24.63 -19.89
C LEU A 215 -4.19 -25.78 -20.82
N TRP A 216 -4.36 -26.98 -20.25
CA TRP A 216 -4.72 -28.16 -21.03
C TRP A 216 -6.15 -28.62 -20.77
N ALA A 217 -6.87 -27.99 -19.83
CA ALA A 217 -8.27 -28.34 -19.60
C ALA A 217 -9.23 -27.38 -20.29
N GLY A 218 -8.84 -26.12 -20.47
CA GLY A 218 -9.65 -25.20 -21.22
C GLY A 218 -9.75 -25.63 -22.66
N PRO A 219 -8.59 -25.89 -23.28
CA PRO A 219 -8.61 -26.52 -24.61
C PRO A 219 -9.35 -27.85 -24.63
N LEU A 220 -8.97 -28.78 -23.76
CA LEU A 220 -9.60 -30.10 -23.79
C LEU A 220 -11.06 -30.05 -23.37
N GLN A 221 -11.42 -29.20 -22.40
CA GLN A 221 -12.83 -29.05 -22.06
C GLN A 221 -13.59 -28.51 -23.24
N ALA A 222 -13.03 -27.51 -23.93
CA ALA A 222 -13.72 -26.91 -25.06
C ALA A 222 -13.90 -27.90 -26.20
N ILE A 223 -12.91 -28.77 -26.43
CA ILE A 223 -13.04 -29.76 -27.49
C ILE A 223 -14.13 -30.77 -27.17
N ALA A 224 -14.20 -31.24 -25.92
CA ALA A 224 -15.27 -32.15 -25.54
C ALA A 224 -16.64 -31.49 -25.55
N VAL A 225 -16.72 -30.24 -25.10
CA VAL A 225 -17.96 -29.47 -25.20
C VAL A 225 -18.39 -29.38 -26.66
N THR A 226 -17.46 -29.04 -27.55
CA THR A 226 -17.79 -28.93 -28.96
C THR A 226 -18.21 -30.27 -29.54
N ALA A 227 -17.58 -31.37 -29.12
CA ALA A 227 -17.92 -32.68 -29.67
C ALA A 227 -19.31 -33.11 -29.24
N LEU A 228 -19.64 -32.96 -27.96
CA LEU A 228 -21.00 -33.22 -27.52
C LEU A 228 -21.97 -32.32 -28.24
N LEU A 229 -21.57 -31.07 -28.47
CA LEU A 229 -22.45 -30.12 -29.15
C LEU A 229 -22.67 -30.54 -30.60
N TRP A 230 -21.65 -31.06 -31.28
CA TRP A 230 -21.88 -31.68 -32.58
C TRP A 230 -22.91 -32.79 -32.47
N MET A 231 -22.66 -33.76 -31.59
CA MET A 231 -23.55 -34.92 -31.51
C MET A 231 -24.97 -34.54 -31.15
N GLU A 232 -25.17 -33.34 -30.60
CA GLU A 232 -26.51 -32.86 -30.30
C GLU A 232 -27.12 -32.04 -31.44
N ILE A 233 -26.44 -31.02 -31.91
CA ILE A 233 -27.03 -29.98 -32.73
C ILE A 233 -26.29 -29.76 -34.04
N GLY A 234 -25.62 -30.78 -34.58
CA GLY A 234 -24.99 -30.61 -35.87
C GLY A 234 -24.00 -29.46 -35.86
N ILE A 235 -23.80 -28.84 -37.04
CA ILE A 235 -22.84 -27.75 -37.16
C ILE A 235 -23.25 -26.55 -36.32
N SER A 236 -24.55 -26.40 -36.02
CA SER A 236 -25.08 -25.23 -35.33
C SER A 236 -24.19 -24.78 -34.19
N CYS A 237 -23.56 -25.73 -33.50
CA CYS A 237 -22.68 -25.41 -32.38
C CYS A 237 -21.58 -24.44 -32.79
N LEU A 238 -21.13 -24.50 -34.03
CA LEU A 238 -19.97 -23.71 -34.44
C LEU A 238 -20.23 -22.21 -34.31
N ALA A 239 -21.47 -21.78 -34.47
CA ALA A 239 -21.77 -20.35 -34.33
C ALA A 239 -21.54 -19.89 -32.90
N GLY A 240 -22.13 -20.61 -31.94
CA GLY A 240 -21.91 -20.27 -30.55
C GLY A 240 -20.44 -20.38 -30.17
N MET A 241 -19.77 -21.41 -30.68
CA MET A 241 -18.36 -21.56 -30.39
C MET A 241 -17.53 -20.45 -31.03
N ALA A 242 -17.97 -19.92 -32.17
CA ALA A 242 -17.28 -18.80 -32.81
C ALA A 242 -17.41 -17.54 -31.97
N VAL A 243 -18.62 -17.26 -31.48
CA VAL A 243 -18.76 -16.12 -30.57
C VAL A 243 -17.94 -16.35 -29.31
N LEU A 244 -17.92 -17.57 -28.80
CA LEU A 244 -17.17 -17.86 -27.59
C LEU A 244 -15.68 -17.63 -27.82
N ILE A 245 -15.17 -18.07 -28.98
CA ILE A 245 -13.79 -17.77 -29.34
C ILE A 245 -13.57 -16.27 -29.42
N ILE A 246 -14.45 -15.55 -30.12
CA ILE A 246 -14.27 -14.10 -30.26
C ILE A 246 -14.17 -13.45 -28.89
N LEU A 247 -14.91 -13.96 -27.91
CA LEU A 247 -14.78 -13.42 -26.56
C LEU A 247 -13.32 -13.44 -26.08
N LEU A 248 -12.49 -14.33 -26.63
CA LEU A 248 -11.08 -14.31 -26.26
C LEU A 248 -10.36 -13.08 -26.78
N PRO A 249 -10.23 -12.89 -28.10
CA PRO A 249 -9.63 -11.63 -28.58
C PRO A 249 -10.48 -10.42 -28.25
N LEU A 250 -11.81 -10.59 -28.14
CA LEU A 250 -12.65 -9.45 -27.77
C LEU A 250 -12.37 -9.01 -26.34
N GLN A 251 -12.31 -9.96 -25.41
CA GLN A 251 -11.93 -9.63 -24.04
C GLN A 251 -10.52 -9.07 -23.99
N SER A 252 -9.62 -9.56 -24.85
CA SER A 252 -8.27 -9.03 -24.90
C SER A 252 -8.24 -7.59 -25.41
N CYS A 253 -9.08 -7.28 -26.40
CA CYS A 253 -9.19 -5.90 -26.88
C CYS A 253 -9.77 -4.99 -25.81
N PHE A 254 -10.82 -5.46 -25.12
CA PHE A 254 -11.28 -4.73 -23.94
C PHE A 254 -10.14 -4.49 -22.96
N GLY A 255 -9.35 -5.53 -22.67
CA GLY A 255 -8.25 -5.39 -21.74
C GLY A 255 -7.24 -4.35 -22.18
N LYS A 256 -6.86 -4.38 -23.46
CA LYS A 256 -5.85 -3.45 -23.95
C LYS A 256 -6.37 -2.03 -23.96
N LEU A 257 -7.58 -1.82 -24.49
CA LEU A 257 -8.14 -0.47 -24.54
C LEU A 257 -8.37 0.07 -23.14
N PHE A 258 -8.84 -0.78 -22.22
CA PHE A 258 -9.09 -0.35 -20.85
C PHE A 258 -7.79 -0.15 -20.10
N SER A 259 -6.71 -0.84 -20.47
CA SER A 259 -5.42 -0.56 -19.86
C SER A 259 -4.85 0.76 -20.35
N SER A 260 -5.01 1.04 -21.65
CA SER A 260 -4.66 2.36 -22.16
C SER A 260 -5.44 3.45 -21.43
N LEU A 261 -6.75 3.26 -21.30
CA LEU A 261 -7.56 4.24 -20.58
C LEU A 261 -7.18 4.31 -19.11
N ARG A 262 -6.82 3.18 -18.50
CA ARG A 262 -6.44 3.18 -17.10
C ARG A 262 -5.14 3.94 -16.87
N SER A 263 -4.17 3.79 -17.78
CA SER A 263 -2.93 4.54 -17.64
C SER A 263 -3.11 6.01 -17.95
N LYS A 264 -3.87 6.34 -19.00
CA LYS A 264 -4.20 7.73 -19.27
C LYS A 264 -4.94 8.35 -18.09
N THR A 265 -5.84 7.60 -17.46
CA THR A 265 -6.46 8.04 -16.22
C THR A 265 -5.42 8.23 -15.14
N ALA A 266 -4.59 7.21 -14.92
CA ALA A 266 -3.62 7.25 -13.83
C ALA A 266 -2.74 8.49 -13.92
N THR A 267 -2.41 8.96 -15.12
CA THR A 267 -1.69 10.23 -15.20
C THR A 267 -2.47 11.34 -14.50
N PHE A 268 -3.73 11.52 -14.87
CA PHE A 268 -4.58 12.54 -14.26
C PHE A 268 -4.81 12.29 -12.78
N THR A 269 -5.02 11.02 -12.43
CA THR A 269 -5.32 10.64 -11.05
C THR A 269 -4.14 10.91 -10.13
N ASP A 270 -2.93 10.61 -10.59
CA ASP A 270 -1.76 10.89 -9.78
C ASP A 270 -1.40 12.37 -9.79
N ALA A 271 -1.71 13.09 -10.87
CA ALA A 271 -1.61 14.55 -10.80
C ALA A 271 -2.57 15.10 -9.74
N ARG A 272 -3.80 14.59 -9.71
CA ARG A 272 -4.77 15.01 -8.71
C ARG A 272 -4.28 14.65 -7.31
N ILE A 273 -3.75 13.45 -7.13
CA ILE A 273 -3.33 13.01 -5.81
C ILE A 273 -2.10 13.79 -5.35
N ARG A 274 -1.21 14.15 -6.27
CA ARG A 274 -0.07 15.01 -5.92
C ARG A 274 -0.55 16.40 -5.53
N THR A 275 -1.44 16.99 -6.31
CA THR A 275 -2.03 18.27 -5.92
C THR A 275 -2.74 18.16 -4.58
N MET A 276 -3.35 17.01 -4.32
CA MET A 276 -4.07 16.81 -3.06
C MET A 276 -3.10 16.73 -1.89
N ASN A 277 -2.01 16.00 -2.06
CA ASN A 277 -0.97 15.95 -1.03
C ASN A 277 -0.40 17.33 -0.77
N GLU A 278 -0.27 18.14 -1.83
CA GLU A 278 0.24 19.49 -1.65
C GLU A 278 -0.76 20.37 -0.90
N VAL A 279 -2.02 20.37 -1.33
CA VAL A 279 -3.03 21.21 -0.66
C VAL A 279 -3.26 20.77 0.77
N ILE A 280 -3.17 19.49 1.08
CA ILE A 280 -3.33 19.02 2.46
C ILE A 280 -2.10 19.34 3.29
N THR A 281 -0.90 19.03 2.77
CA THR A 281 0.33 19.28 3.50
C THR A 281 0.47 20.75 3.87
N GLY A 282 0.25 21.63 2.90
CA GLY A 282 0.32 23.05 3.14
C GLY A 282 -1.05 23.69 3.19
N ILE A 283 -2.03 22.98 3.77
CA ILE A 283 -3.38 23.51 3.82
C ILE A 283 -3.43 24.78 4.66
N ARG A 284 -2.65 24.82 5.74
CA ARG A 284 -2.55 26.01 6.56
C ARG A 284 -2.16 27.20 5.68
N ILE A 285 -1.13 27.01 4.87
CA ILE A 285 -0.64 28.03 3.95
C ILE A 285 -1.78 28.48 3.03
N ILE A 286 -2.47 27.52 2.41
CA ILE A 286 -3.50 27.87 1.44
C ILE A 286 -4.61 28.67 2.08
N LYS A 287 -5.08 28.24 3.26
CA LYS A 287 -6.11 29.00 3.96
C LYS A 287 -5.61 30.41 4.29
N MET A 288 -4.39 30.51 4.81
CA MET A 288 -3.85 31.83 5.16
C MET A 288 -3.83 32.74 3.93
N TYR A 289 -3.29 32.25 2.83
CA TYR A 289 -3.26 33.02 1.59
C TYR A 289 -4.62 33.07 0.90
N ALA A 290 -5.58 32.28 1.37
CA ALA A 290 -6.92 32.33 0.78
C ALA A 290 -6.89 31.99 -0.69
N TRP A 291 -6.24 30.88 -1.06
CA TRP A 291 -6.17 30.45 -2.44
C TRP A 291 -7.07 29.26 -2.74
N GLU A 292 -7.61 28.61 -1.71
CA GLU A 292 -8.27 27.32 -1.93
C GLU A 292 -9.33 27.41 -3.01
N LYS A 293 -9.73 28.64 -3.39
CA LYS A 293 -10.49 28.79 -4.64
C LYS A 293 -9.65 28.38 -5.84
N SER A 294 -8.38 28.78 -5.86
CA SER A 294 -7.52 28.42 -6.99
C SER A 294 -7.31 26.92 -7.06
N PHE A 295 -6.78 26.32 -5.98
CA PHE A 295 -6.65 24.87 -5.94
C PHE A 295 -7.98 24.17 -6.13
N SER A 296 -9.09 24.79 -5.73
CA SER A 296 -10.39 24.23 -6.05
C SER A 296 -10.58 24.15 -7.55
N ASN A 297 -10.23 25.23 -8.26
CA ASN A 297 -10.32 25.20 -9.71
C ASN A 297 -9.34 24.19 -10.30
N LEU A 298 -8.12 24.16 -9.76
CA LEU A 298 -7.12 23.25 -10.30
C LEU A 298 -7.57 21.79 -10.17
N ILE A 299 -8.04 21.40 -8.99
CA ILE A 299 -8.46 20.02 -8.79
C ILE A 299 -9.83 19.75 -9.40
N THR A 300 -10.68 20.76 -9.55
CA THR A 300 -11.91 20.56 -10.30
C THR A 300 -11.62 20.24 -11.75
N ASN A 301 -10.65 20.94 -12.35
CA ASN A 301 -10.28 20.63 -13.73
C ASN A 301 -9.53 19.31 -13.83
N LEU A 302 -8.64 19.03 -12.88
CA LEU A 302 -7.95 17.75 -12.87
C LEU A 302 -8.94 16.61 -12.72
N ARG A 303 -9.94 16.75 -11.86
CA ARG A 303 -10.92 15.70 -11.67
C ARG A 303 -11.93 15.65 -12.80
N LYS A 304 -12.22 16.75 -13.47
CA LYS A 304 -13.05 16.66 -14.67
C LYS A 304 -12.31 15.90 -15.77
N LYS A 305 -11.03 16.17 -15.94
CA LYS A 305 -10.25 15.44 -16.94
C LYS A 305 -10.04 14.00 -16.53
N GLU A 306 -9.94 13.72 -15.23
CA GLU A 306 -9.81 12.34 -14.77
C GLU A 306 -11.14 11.62 -14.82
N ILE A 307 -12.25 12.33 -14.58
CA ILE A 307 -13.56 11.69 -14.57
C ILE A 307 -14.03 11.47 -15.99
N SER A 308 -13.55 12.25 -16.96
CA SER A 308 -13.83 11.90 -18.35
C SER A 308 -13.21 10.56 -18.70
N LYS A 309 -11.97 10.33 -18.28
CA LYS A 309 -11.33 9.06 -18.55
C LYS A 309 -11.89 7.94 -17.69
N ILE A 310 -12.25 8.24 -16.43
CA ILE A 310 -12.86 7.25 -15.57
C ILE A 310 -14.23 6.86 -16.11
N LEU A 311 -14.97 7.81 -16.65
CA LEU A 311 -16.29 7.53 -17.19
C LEU A 311 -16.18 6.76 -18.50
N ARG A 312 -15.14 7.03 -19.30
CA ARG A 312 -14.95 6.24 -20.51
C ARG A 312 -14.51 4.82 -20.17
N SER A 313 -13.58 4.67 -19.22
CA SER A 313 -13.17 3.34 -18.77
C SER A 313 -14.34 2.59 -18.15
N SER A 314 -15.17 3.28 -17.38
CA SER A 314 -16.35 2.67 -16.78
C SER A 314 -17.39 2.31 -17.81
N CYS A 315 -17.57 3.13 -18.85
CA CYS A 315 -18.46 2.76 -19.94
C CYS A 315 -17.96 1.51 -20.65
N LEU A 316 -16.64 1.40 -20.83
CA LEU A 316 -16.10 0.23 -21.50
C LEU A 316 -16.21 -1.00 -20.62
N ARG A 317 -15.98 -0.85 -19.31
CA ARG A 317 -16.19 -1.96 -18.39
C ARG A 317 -17.66 -2.33 -18.31
N GLY A 318 -18.55 -1.34 -18.48
CA GLY A 318 -19.97 -1.65 -18.54
C GLY A 318 -20.32 -2.46 -19.77
N MET A 319 -19.75 -2.10 -20.92
CA MET A 319 -20.00 -2.86 -22.13
C MET A 319 -19.29 -4.21 -22.11
N ASN A 320 -18.31 -4.37 -21.23
CA ASN A 320 -17.63 -5.65 -21.08
C ASN A 320 -18.43 -6.56 -20.14
N LEU A 321 -18.65 -6.11 -18.91
CA LEU A 321 -19.43 -6.84 -17.94
C LEU A 321 -20.89 -7.00 -18.35
N ALA A 322 -21.33 -6.23 -19.35
CA ALA A 322 -22.62 -6.49 -19.98
C ALA A 322 -22.48 -7.49 -21.11
N SER A 323 -21.27 -7.70 -21.60
CA SER A 323 -20.98 -8.73 -22.58
C SER A 323 -20.69 -10.08 -21.93
N PHE A 324 -20.25 -10.08 -20.68
CA PHE A 324 -20.19 -11.30 -19.88
C PHE A 324 -21.56 -11.77 -19.44
N PHE A 325 -22.44 -10.85 -19.07
CA PHE A 325 -23.84 -11.15 -18.78
C PHE A 325 -24.59 -11.59 -20.01
N SER A 326 -24.51 -10.81 -21.08
CA SER A 326 -25.21 -11.16 -22.32
C SER A 326 -24.46 -12.23 -23.10
N ALA A 327 -23.19 -12.48 -22.76
CA ALA A 327 -22.37 -13.45 -23.47
C ALA A 327 -23.13 -14.73 -23.80
N SER A 328 -23.68 -15.39 -22.79
CA SER A 328 -24.37 -16.65 -23.06
C SER A 328 -25.58 -16.44 -23.95
N LYS A 329 -26.17 -15.25 -23.92
CA LYS A 329 -27.35 -14.97 -24.74
C LYS A 329 -26.95 -14.88 -26.22
N ILE A 330 -25.91 -14.11 -26.52
CA ILE A 330 -25.42 -14.04 -27.89
C ILE A 330 -24.89 -15.40 -28.33
N ILE A 331 -24.38 -16.18 -27.38
CA ILE A 331 -23.76 -17.47 -27.72
C ILE A 331 -24.81 -18.52 -28.05
N VAL A 332 -25.97 -18.47 -27.40
CA VAL A 332 -27.03 -19.43 -27.64
C VAL A 332 -28.08 -18.87 -28.60
N PHE A 333 -27.96 -17.61 -29.01
CA PHE A 333 -28.82 -17.03 -30.03
C PHE A 333 -28.23 -17.21 -31.42
N VAL A 334 -26.91 -17.08 -31.55
CA VAL A 334 -26.23 -17.46 -32.78
C VAL A 334 -26.25 -18.97 -32.96
N THR A 335 -26.57 -19.72 -31.90
CA THR A 335 -26.48 -21.17 -31.95
C THR A 335 -27.81 -21.79 -32.41
N PHE A 336 -28.92 -21.18 -32.02
CA PHE A 336 -30.23 -21.63 -32.47
C PHE A 336 -30.87 -20.69 -33.48
N THR A 337 -30.17 -19.61 -33.84
CA THR A 337 -30.42 -18.93 -35.11
C THR A 337 -29.87 -19.76 -36.27
N THR A 338 -28.85 -20.56 -36.01
CA THR A 338 -28.31 -21.50 -36.99
C THR A 338 -28.99 -22.85 -36.96
N TYR A 339 -29.58 -23.22 -35.83
CA TYR A 339 -30.10 -24.59 -35.67
C TYR A 339 -31.55 -24.70 -36.11
N VAL A 340 -32.27 -23.58 -36.21
CA VAL A 340 -33.66 -23.63 -36.64
C VAL A 340 -33.81 -23.24 -38.10
N LEU A 341 -32.92 -22.40 -38.62
CA LEU A 341 -32.87 -22.07 -40.03
C LEU A 341 -32.26 -23.20 -40.85
N LEU A 342 -32.05 -24.36 -40.26
CA LEU A 342 -31.54 -25.54 -40.94
C LEU A 342 -32.52 -26.71 -40.82
N GLY A 343 -33.81 -26.41 -40.76
CA GLY A 343 -34.82 -27.45 -40.78
C GLY A 343 -34.93 -28.28 -39.52
N SER A 344 -34.18 -27.93 -38.47
CA SER A 344 -34.19 -28.70 -37.23
C SER A 344 -35.00 -27.96 -36.17
N VAL A 345 -35.72 -28.74 -35.36
CA VAL A 345 -36.63 -28.21 -34.38
C VAL A 345 -35.90 -27.96 -33.06
N ILE A 346 -36.53 -27.17 -32.19
CA ILE A 346 -36.00 -26.86 -30.87
C ILE A 346 -36.66 -27.78 -29.85
N THR A 347 -35.83 -28.42 -29.03
CA THR A 347 -36.28 -29.31 -27.97
C THR A 347 -35.64 -28.89 -26.66
N ALA A 348 -36.41 -28.99 -25.56
CA ALA A 348 -35.94 -28.48 -24.28
C ALA A 348 -34.69 -29.22 -23.81
N SER A 349 -34.66 -30.54 -23.97
CA SER A 349 -33.51 -31.32 -23.54
C SER A 349 -32.25 -30.89 -24.27
N ARG A 350 -32.31 -30.83 -25.60
CA ARG A 350 -31.16 -30.41 -26.39
C ARG A 350 -30.80 -28.96 -26.09
N VAL A 351 -31.81 -28.09 -26.00
CA VAL A 351 -31.54 -26.67 -25.74
C VAL A 351 -30.79 -26.51 -24.44
N PHE A 352 -31.18 -27.26 -23.42
CA PHE A 352 -30.69 -26.97 -22.08
C PHE A 352 -29.45 -27.79 -21.75
N VAL A 353 -29.22 -28.88 -22.48
CA VAL A 353 -27.88 -29.43 -22.55
C VAL A 353 -26.93 -28.43 -23.19
N ALA A 354 -27.36 -27.79 -24.28
CA ALA A 354 -26.48 -26.87 -24.99
C ALA A 354 -26.20 -25.62 -24.17
N VAL A 355 -27.23 -25.04 -23.54
CA VAL A 355 -27.01 -23.84 -22.73
C VAL A 355 -26.11 -24.15 -21.54
N THR A 356 -26.30 -25.30 -20.90
CA THR A 356 -25.43 -25.70 -19.81
C THR A 356 -24.00 -25.92 -20.28
N LEU A 357 -23.82 -26.58 -21.43
CA LEU A 357 -22.49 -26.79 -21.97
C LEU A 357 -21.83 -25.47 -22.33
N TYR A 358 -22.60 -24.53 -22.88
CA TYR A 358 -22.05 -23.21 -23.20
C TYR A 358 -21.70 -22.45 -21.94
N GLY A 359 -22.50 -22.58 -20.89
CA GLY A 359 -22.09 -21.98 -19.62
C GLY A 359 -20.78 -22.55 -19.14
N ALA A 360 -20.66 -23.87 -19.14
CA ALA A 360 -19.41 -24.52 -18.73
C ALA A 360 -18.23 -24.00 -19.56
N VAL A 361 -18.31 -24.16 -20.88
CA VAL A 361 -17.18 -23.81 -21.73
C VAL A 361 -16.97 -22.31 -21.81
N ARG A 362 -17.98 -21.49 -21.51
CA ARG A 362 -17.82 -20.04 -21.49
C ARG A 362 -17.04 -19.61 -20.27
N LEU A 363 -17.43 -20.10 -19.09
CA LEU A 363 -16.58 -19.90 -17.93
C LEU A 363 -15.16 -20.37 -18.23
N THR A 364 -15.05 -21.55 -18.85
CA THR A 364 -13.74 -22.14 -19.09
C THR A 364 -12.90 -21.30 -20.05
N VAL A 365 -13.53 -20.74 -21.08
CA VAL A 365 -12.77 -20.19 -22.21
C VAL A 365 -12.56 -18.70 -22.05
N THR A 366 -13.46 -18.01 -21.34
CA THR A 366 -13.33 -16.58 -21.15
C THR A 366 -12.91 -16.21 -19.73
N LEU A 367 -12.91 -17.15 -18.80
CA LEU A 367 -12.53 -16.80 -17.43
C LEU A 367 -11.48 -17.74 -16.84
N PHE A 368 -11.52 -19.03 -17.20
CA PHE A 368 -10.52 -19.95 -16.68
C PHE A 368 -9.34 -20.13 -17.62
N PHE A 369 -9.59 -20.13 -18.94
CA PHE A 369 -8.48 -20.24 -19.87
C PHE A 369 -7.73 -18.92 -20.00
N PRO A 370 -8.38 -17.77 -20.19
CA PRO A 370 -7.63 -16.51 -20.21
C PRO A 370 -6.94 -16.23 -18.89
N SER A 371 -7.58 -16.57 -17.78
CA SER A 371 -6.92 -16.42 -16.49
C SER A 371 -5.70 -17.31 -16.40
N ALA A 372 -5.81 -18.55 -16.89
CA ALA A 372 -4.67 -19.47 -16.86
C ALA A 372 -3.52 -18.91 -17.69
N ILE A 373 -3.80 -18.42 -18.90
CA ILE A 373 -2.74 -17.89 -19.75
C ILE A 373 -2.13 -16.65 -19.13
N GLU A 374 -2.95 -15.71 -18.69
CA GLU A 374 -2.43 -14.50 -18.05
C GLU A 374 -1.55 -14.85 -16.87
N ARG A 375 -2.02 -15.74 -16.01
CA ARG A 375 -1.34 -16.00 -14.76
C ARG A 375 -0.11 -16.85 -14.95
N VAL A 376 -0.09 -17.75 -15.93
CA VAL A 376 1.13 -18.49 -16.21
C VAL A 376 2.13 -17.60 -16.94
N SER A 377 1.66 -16.60 -17.69
CA SER A 377 2.58 -15.63 -18.26
C SER A 377 3.26 -14.82 -17.17
N GLU A 378 2.47 -14.29 -16.23
CA GLU A 378 3.06 -13.57 -15.12
C GLU A 378 3.91 -14.51 -14.25
N ALA A 379 3.56 -15.79 -14.18
CA ALA A 379 4.32 -16.73 -13.38
C ALA A 379 5.67 -17.04 -14.05
N ILE A 380 5.70 -17.12 -15.37
CA ILE A 380 6.97 -17.29 -16.05
C ILE A 380 7.81 -16.03 -15.93
N VAL A 381 7.19 -14.86 -15.98
CA VAL A 381 7.91 -13.62 -15.73
C VAL A 381 8.52 -13.65 -14.34
N SER A 382 7.75 -14.07 -13.34
CA SER A 382 8.23 -14.14 -11.98
C SER A 382 9.34 -15.17 -11.84
N ILE A 383 9.19 -16.32 -12.49
CA ILE A 383 10.19 -17.37 -12.43
C ILE A 383 11.49 -16.90 -13.04
N ARG A 384 11.41 -16.16 -14.15
CA ARG A 384 12.61 -15.64 -14.79
C ARG A 384 13.26 -14.55 -13.94
N ARG A 385 12.46 -13.71 -13.29
CA ARG A 385 13.05 -12.66 -12.45
C ARG A 385 13.73 -13.27 -11.23
N ILE A 386 13.06 -14.23 -10.60
CA ILE A 386 13.68 -14.95 -9.48
C ILE A 386 14.88 -15.74 -9.97
N GLN A 387 14.83 -16.23 -11.20
CA GLN A 387 15.96 -16.93 -11.83
C GLN A 387 17.16 -16.01 -11.90
N THR A 388 16.97 -14.80 -12.44
CA THR A 388 18.06 -13.84 -12.51
C THR A 388 18.57 -13.49 -11.12
N PHE A 389 17.66 -13.33 -10.16
CA PHE A 389 18.07 -13.02 -8.79
C PHE A 389 18.90 -14.15 -8.21
N LEU A 390 18.52 -15.40 -8.46
CA LEU A 390 19.18 -16.56 -7.87
C LEU A 390 20.45 -16.95 -8.62
N LEU A 391 20.67 -16.39 -9.81
CA LEU A 391 21.93 -16.56 -10.52
C LEU A 391 22.91 -15.44 -10.24
N LEU A 392 22.50 -14.40 -9.51
CA LEU A 392 23.39 -13.31 -9.19
C LEU A 392 24.65 -13.86 -8.53
N ASP A 393 25.70 -13.04 -8.52
CA ASP A 393 26.98 -13.50 -7.99
C ASP A 393 26.90 -13.59 -6.47
N GLU A 394 27.37 -14.71 -5.93
CA GLU A 394 27.37 -14.96 -4.50
C GLU A 394 28.70 -14.59 -3.89
N ILE A 395 28.72 -14.49 -2.56
CA ILE A 395 29.97 -14.40 -1.84
C ILE A 395 30.64 -15.76 -1.85
N SER A 396 31.97 -15.78 -1.87
CA SER A 396 32.70 -17.01 -1.67
C SER A 396 32.54 -17.45 -0.22
N GLN A 397 31.94 -18.63 -0.04
CA GLN A 397 31.72 -19.16 1.31
C GLN A 397 32.98 -18.98 2.13
N ARG A 398 32.81 -18.72 3.43
CA ARG A 398 33.95 -18.47 4.30
C ARG A 398 35.08 -19.42 3.93
N ASN A 399 36.24 -18.88 3.56
CA ASN A 399 37.36 -19.73 3.19
C ASN A 399 37.56 -20.79 4.26
N ARG A 400 37.28 -22.04 3.89
CA ARG A 400 37.06 -23.11 4.84
C ARG A 400 38.10 -23.11 5.96
N GLN A 401 37.63 -22.94 7.19
CA GLN A 401 38.52 -22.85 8.33
C GLN A 401 39.39 -24.08 8.44
N LEU A 402 40.68 -23.90 8.22
CA LEU A 402 41.63 -24.96 8.53
C LEU A 402 41.56 -25.25 10.03
N PRO A 403 41.41 -26.52 10.44
CA PRO A 403 41.30 -26.79 11.89
C PRO A 403 42.41 -26.11 12.66
N SER A 404 42.03 -25.13 13.46
CA SER A 404 42.96 -24.14 13.99
C SER A 404 44.00 -24.80 14.89
N ASP A 405 45.20 -24.22 14.89
CA ASP A 405 46.28 -24.66 15.77
C ASP A 405 46.21 -23.87 17.07
N GLY A 406 45.03 -23.37 17.41
CA GLY A 406 44.87 -22.46 18.52
C GLY A 406 45.26 -21.03 18.22
N LYS A 407 45.58 -20.71 16.97
CA LYS A 407 46.05 -19.38 16.60
C LYS A 407 44.87 -18.47 16.27
N LYS A 408 44.37 -17.77 17.27
CA LYS A 408 43.36 -16.75 17.04
C LYS A 408 44.05 -15.50 16.50
N MET A 409 44.09 -15.34 15.18
CA MET A 409 44.80 -14.23 14.56
C MET A 409 44.38 -14.13 13.11
N VAL A 410 44.61 -12.96 12.53
CA VAL A 410 44.27 -12.69 11.12
C VAL A 410 45.40 -11.89 10.50
N HIS A 411 45.81 -12.30 9.30
CA HIS A 411 46.84 -11.60 8.55
C HIS A 411 46.29 -11.27 7.16
N VAL A 412 46.34 -9.99 6.80
CA VAL A 412 46.00 -9.55 5.45
C VAL A 412 47.31 -9.10 4.80
N GLN A 413 47.52 -9.49 3.55
CA GLN A 413 48.77 -9.18 2.85
C GLN A 413 48.45 -8.53 1.52
N ASP A 414 48.86 -7.27 1.36
CA ASP A 414 48.80 -6.58 0.07
C ASP A 414 47.44 -6.72 -0.60
N PHE A 415 46.36 -6.56 0.17
CA PHE A 415 45.03 -6.72 -0.39
C PHE A 415 44.65 -5.47 -1.17
N THR A 416 44.34 -5.64 -2.45
CA THR A 416 43.82 -4.58 -3.30
C THR A 416 42.57 -5.08 -3.99
N ALA A 417 41.48 -4.33 -3.87
CA ALA A 417 40.21 -4.72 -4.47
C ALA A 417 39.38 -3.47 -4.70
N PHE A 418 38.29 -3.63 -5.44
CA PHE A 418 37.50 -2.51 -5.96
C PHE A 418 36.05 -2.63 -5.51
N TRP A 419 35.44 -1.47 -5.23
CA TRP A 419 33.99 -1.41 -5.23
C TRP A 419 33.42 -1.97 -6.53
N ASP A 420 33.98 -1.53 -7.66
CA ASP A 420 33.63 -2.03 -8.98
C ASP A 420 34.91 -2.13 -9.81
N LYS A 421 35.03 -3.20 -10.58
CA LYS A 421 36.27 -3.46 -11.30
C LYS A 421 36.70 -2.29 -12.19
N ALA A 422 35.75 -1.54 -12.73
CA ALA A 422 36.05 -0.48 -13.69
C ALA A 422 36.88 0.65 -13.10
N SER A 423 36.75 0.92 -11.80
CA SER A 423 37.44 2.07 -11.21
C SER A 423 38.95 1.92 -11.34
N GLU A 424 39.61 3.00 -11.78
CA GLU A 424 41.06 2.99 -11.86
C GLU A 424 41.70 3.13 -10.48
N THR A 425 40.95 3.68 -9.50
CA THR A 425 41.46 3.82 -8.15
C THR A 425 40.99 2.66 -7.29
N PRO A 426 41.86 1.73 -6.92
CA PRO A 426 41.40 0.60 -6.10
C PRO A 426 41.02 1.05 -4.70
N THR A 427 40.13 0.28 -4.07
CA THR A 427 39.72 0.59 -2.70
C THR A 427 40.94 0.63 -1.78
N LEU A 428 41.76 -0.41 -1.82
CA LEU A 428 42.98 -0.47 -1.03
C LEU A 428 44.16 -0.57 -1.98
N GLN A 429 45.37 -0.35 -1.47
CA GLN A 429 46.58 -0.39 -2.29
C GLN A 429 47.69 -1.09 -1.53
N GLY A 430 47.88 -2.38 -1.80
CA GLY A 430 49.02 -3.09 -1.25
C GLY A 430 49.16 -2.97 0.25
N LEU A 431 48.06 -3.19 0.97
CA LEU A 431 48.06 -3.05 2.41
C LEU A 431 48.28 -4.39 3.07
N SER A 432 49.18 -4.43 4.06
CA SER A 432 49.55 -5.67 4.74
C SER A 432 49.67 -5.40 6.23
N PHE A 433 48.91 -6.14 7.04
CA PHE A 433 49.12 -6.12 8.48
C PHE A 433 48.58 -7.41 9.08
N THR A 434 49.20 -7.81 10.19
CA THR A 434 48.83 -9.02 10.92
C THR A 434 48.48 -8.65 12.36
N VAL A 435 47.38 -9.21 12.85
CA VAL A 435 46.93 -8.98 14.21
C VAL A 435 46.82 -10.34 14.91
N ARG A 436 47.47 -10.46 16.05
CA ARG A 436 47.58 -11.67 16.84
C ARG A 436 46.95 -11.46 18.22
N PRO A 437 46.77 -12.52 19.01
CA PRO A 437 45.96 -12.41 20.23
C PRO A 437 46.45 -11.28 21.14
N GLY A 438 45.49 -10.53 21.69
CA GLY A 438 45.77 -9.53 22.69
C GLY A 438 46.09 -8.15 22.16
N GLU A 439 46.21 -7.98 20.84
CA GLU A 439 46.60 -6.70 20.27
C GLU A 439 45.37 -5.81 20.08
N LEU A 440 45.46 -4.59 20.60
CA LEU A 440 44.38 -3.60 20.49
C LEU A 440 44.69 -2.69 19.31
N LEU A 441 44.06 -3.00 18.16
CA LEU A 441 44.31 -2.28 16.92
C LEU A 441 43.19 -1.27 16.69
N ALA A 442 43.53 0.01 16.80
CA ALA A 442 42.63 1.09 16.42
C ALA A 442 42.92 1.52 15.00
N VAL A 443 41.91 1.42 14.13
CA VAL A 443 42.01 1.79 12.72
C VAL A 443 41.70 3.27 12.61
N VAL A 444 42.55 4.01 11.91
CA VAL A 444 42.39 5.44 11.73
C VAL A 444 42.54 5.75 10.24
N GLY A 445 41.69 6.65 9.75
CA GLY A 445 41.75 7.06 8.37
C GLY A 445 40.60 7.98 8.01
N PRO A 446 40.82 8.85 7.01
CA PRO A 446 39.77 9.78 6.61
C PRO A 446 38.57 9.06 6.00
N VAL A 447 37.42 9.73 6.04
CA VAL A 447 36.21 9.16 5.45
C VAL A 447 36.42 8.97 3.96
N GLY A 448 35.75 7.97 3.40
CA GLY A 448 35.91 7.63 2.00
C GLY A 448 37.07 6.71 1.68
N ALA A 449 37.83 6.28 2.70
CA ALA A 449 38.94 5.37 2.46
C ALA A 449 38.48 3.98 2.06
N GLY A 450 37.20 3.67 2.18
CA GLY A 450 36.68 2.35 1.90
C GLY A 450 36.32 1.54 3.12
N LYS A 451 35.82 2.17 4.17
CA LYS A 451 35.55 1.46 5.42
C LYS A 451 34.62 0.27 5.18
N SER A 452 33.51 0.51 4.48
CA SER A 452 32.59 -0.58 4.15
C SER A 452 33.32 -1.72 3.45
N SER A 453 33.92 -1.45 2.28
CA SER A 453 34.65 -2.50 1.57
C SER A 453 35.86 -2.95 2.36
N LEU A 454 36.43 -2.07 3.18
CA LEU A 454 37.56 -2.47 4.01
C LEU A 454 37.19 -3.66 4.89
N LEU A 455 36.22 -3.47 5.78
CA LEU A 455 35.83 -4.57 6.67
C LEU A 455 35.15 -5.68 5.90
N SER A 456 34.58 -5.37 4.74
CA SER A 456 34.06 -6.44 3.88
C SER A 456 35.18 -7.39 3.47
N ALA A 457 36.33 -6.85 3.09
CA ALA A 457 37.48 -7.68 2.79
C ALA A 457 38.00 -8.37 4.04
N VAL A 458 38.06 -7.64 5.16
CA VAL A 458 38.49 -8.27 6.41
C VAL A 458 37.53 -9.40 6.78
N LEU A 459 36.22 -9.19 6.61
CA LEU A 459 35.25 -10.24 6.84
C LEU A 459 35.32 -11.34 5.77
N GLY A 460 36.03 -11.10 4.68
CA GLY A 460 35.92 -11.97 3.53
C GLY A 460 34.73 -11.68 2.66
N GLU A 461 34.02 -10.58 2.93
CA GLU A 461 32.86 -10.21 2.13
C GLU A 461 33.25 -9.62 0.78
N LEU A 462 34.52 -9.24 0.62
CA LEU A 462 35.02 -8.64 -0.61
C LEU A 462 35.99 -9.62 -1.26
N ALA A 463 35.61 -10.17 -2.41
CA ALA A 463 36.41 -11.21 -3.04
C ALA A 463 37.80 -10.68 -3.38
N PRO A 464 38.82 -11.54 -3.31
CA PRO A 464 40.19 -11.05 -3.56
C PRO A 464 40.39 -10.63 -5.01
N SER A 465 41.09 -9.51 -5.19
CA SER A 465 41.62 -9.11 -6.49
C SER A 465 43.14 -9.03 -6.45
N HIS A 466 43.69 -8.68 -5.30
CA HIS A 466 45.13 -8.76 -5.04
C HIS A 466 45.33 -9.09 -3.57
N GLY A 467 46.50 -9.60 -3.24
CA GLY A 467 46.81 -9.93 -1.87
C GLY A 467 46.21 -11.27 -1.45
N LEU A 468 46.41 -11.60 -0.18
CA LEU A 468 45.91 -12.84 0.39
C LEU A 468 45.69 -12.69 1.88
N VAL A 469 44.65 -13.34 2.39
CA VAL A 469 44.24 -13.18 3.79
C VAL A 469 44.17 -14.56 4.42
N SER A 470 44.81 -14.71 5.58
CA SER A 470 44.69 -15.90 6.42
C SER A 470 43.89 -15.53 7.66
N VAL A 471 42.81 -16.26 7.90
CA VAL A 471 41.88 -15.97 8.99
C VAL A 471 41.77 -17.22 9.85
N HIS A 472 42.15 -17.11 11.13
CA HIS A 472 41.97 -18.17 12.11
C HIS A 472 41.41 -17.53 13.39
N GLY A 473 40.17 -17.83 13.70
CA GLY A 473 39.51 -17.30 14.89
C GLY A 473 38.12 -16.84 14.56
N ARG A 474 37.30 -16.76 15.60
CA ARG A 474 35.93 -16.26 15.45
C ARG A 474 35.93 -14.74 15.40
N ILE A 475 34.88 -14.17 14.81
CA ILE A 475 34.81 -12.75 14.52
C ILE A 475 33.45 -12.20 14.92
N ALA A 476 33.44 -11.01 15.50
CA ALA A 476 32.23 -10.24 15.76
C ALA A 476 32.37 -8.87 15.11
N TYR A 477 31.39 -8.52 14.28
CA TYR A 477 31.45 -7.30 13.47
C TYR A 477 30.37 -6.33 13.92
N VAL A 478 30.76 -5.10 14.22
CA VAL A 478 29.85 -3.99 14.44
C VAL A 478 30.08 -3.00 13.30
N SER A 479 29.04 -2.75 12.52
CA SER A 479 29.13 -1.76 11.45
C SER A 479 28.86 -0.37 12.00
N GLN A 480 29.39 0.64 11.29
CA GLN A 480 29.11 2.02 11.69
C GLN A 480 27.60 2.26 11.79
N GLN A 481 26.85 1.72 10.84
CA GLN A 481 25.39 1.72 10.93
C GLN A 481 24.94 0.59 11.85
N PRO A 482 24.28 0.88 12.97
CA PRO A 482 23.72 -0.22 13.79
C PRO A 482 22.55 -0.88 13.06
N TRP A 483 22.29 -2.14 13.38
CA TRP A 483 21.25 -2.91 12.71
C TRP A 483 20.42 -3.69 13.73
N VAL A 484 19.10 -3.61 13.57
CA VAL A 484 18.15 -4.29 14.45
C VAL A 484 16.94 -4.67 13.59
N PHE A 485 16.47 -5.91 13.72
CA PHE A 485 15.49 -6.45 12.80
C PHE A 485 14.14 -6.67 13.46
N SER A 486 13.21 -7.18 12.67
CA SER A 486 11.86 -7.44 13.15
C SER A 486 11.77 -8.82 13.79
N GLY A 487 11.58 -8.84 15.10
CA GLY A 487 11.50 -10.09 15.84
C GLY A 487 11.73 -9.88 17.32
N THR A 488 11.75 -10.98 18.09
CA THR A 488 11.98 -10.86 19.52
C THR A 488 13.34 -10.21 19.78
N LEU A 489 13.32 -9.14 20.58
CA LEU A 489 14.56 -8.41 20.85
C LEU A 489 15.60 -9.32 21.48
N ARG A 490 15.16 -10.37 22.20
CA ARG A 490 16.12 -11.35 22.69
C ARG A 490 16.73 -12.12 21.53
N SER A 491 16.00 -12.25 20.42
CA SER A 491 16.60 -12.83 19.23
C SER A 491 17.81 -12.01 18.79
N ASN A 492 17.71 -10.69 18.88
CA ASN A 492 18.87 -9.83 18.64
C ASN A 492 19.95 -10.04 19.69
N ILE A 493 19.57 -9.97 20.97
CA ILE A 493 20.58 -9.97 22.03
C ILE A 493 21.39 -11.26 22.01
N LEU A 494 20.71 -12.41 21.98
CA LEU A 494 21.40 -13.68 21.82
C LEU A 494 21.92 -13.82 20.40
N PHE A 495 21.37 -13.03 19.48
CA PHE A 495 21.57 -13.18 18.04
C PHE A 495 21.52 -14.67 17.67
N GLY A 496 20.41 -15.31 18.07
CA GLY A 496 20.17 -16.70 17.73
C GLY A 496 20.91 -17.70 18.59
N LYS A 497 21.67 -17.27 19.58
CA LYS A 497 22.46 -18.18 20.37
C LYS A 497 21.70 -18.63 21.61
N LYS A 498 22.22 -19.69 22.24
CA LYS A 498 21.59 -20.24 23.43
C LYS A 498 21.67 -19.25 24.59
N TYR A 499 20.69 -19.34 25.48
CA TYR A 499 20.49 -18.33 26.53
C TYR A 499 21.37 -18.65 27.74
N GLU A 500 22.07 -17.64 28.24
CA GLU A 500 22.79 -17.71 29.51
C GLU A 500 22.33 -16.52 30.37
N LYS A 501 21.51 -16.79 31.38
CA LYS A 501 20.89 -15.70 32.13
C LYS A 501 21.93 -14.79 32.76
N GLU A 502 22.91 -15.37 33.44
CA GLU A 502 23.90 -14.54 34.13
C GLU A 502 24.73 -13.73 33.13
N ARG A 503 25.19 -14.36 32.06
CA ARG A 503 26.02 -13.66 31.08
C ARG A 503 25.17 -12.73 30.23
N TYR A 504 23.91 -13.11 30.00
CA TYR A 504 22.95 -12.18 29.40
C TYR A 504 22.83 -10.91 30.23
N GLU A 505 22.71 -11.06 31.55
CA GLU A 505 22.60 -9.90 32.43
C GLU A 505 23.87 -9.07 32.40
N LYS A 506 25.04 -9.73 32.42
CA LYS A 506 26.29 -8.98 32.34
C LYS A 506 26.37 -8.17 31.06
N VAL A 507 26.03 -8.78 29.92
CA VAL A 507 26.08 -8.07 28.65
C VAL A 507 25.10 -6.90 28.66
N ILE A 508 23.89 -7.14 29.17
CA ILE A 508 22.87 -6.09 29.15
C ILE A 508 23.29 -4.91 30.02
N LYS A 509 23.71 -5.19 31.25
CA LYS A 509 23.97 -4.10 32.20
C LYS A 509 25.34 -3.46 31.94
N ALA A 510 26.18 -4.12 31.14
CA ALA A 510 27.46 -3.53 30.78
C ALA A 510 27.29 -2.21 30.03
N CYS A 511 26.34 -2.16 29.10
CA CYS A 511 26.05 -0.95 28.34
C CYS A 511 25.15 0.01 29.08
N ALA A 512 25.00 -0.15 30.40
CA ALA A 512 24.09 0.67 31.20
C ALA A 512 22.68 0.66 30.63
N LEU A 513 22.27 -0.47 30.03
CA LEU A 513 20.95 -0.55 29.43
C LEU A 513 19.82 -0.51 30.45
N LYS A 514 20.14 -0.59 31.75
CA LYS A 514 19.11 -0.36 32.76
C LYS A 514 18.36 0.94 32.47
N LYS A 515 19.10 2.00 32.11
CA LYS A 515 18.47 3.22 31.64
C LYS A 515 17.62 2.97 30.39
N ASP A 516 18.22 2.34 29.38
CA ASP A 516 17.50 2.10 28.13
C ASP A 516 16.36 1.11 28.33
N LEU A 517 16.59 0.08 29.15
CA LEU A 517 15.53 -0.89 29.42
C LEU A 517 14.40 -0.26 30.21
N GLN A 518 14.69 0.81 30.95
CA GLN A 518 13.63 1.63 31.50
C GLN A 518 12.97 2.51 30.44
N LEU A 519 13.72 2.91 29.42
CA LEU A 519 13.12 3.61 28.29
C LEU A 519 12.19 2.70 27.49
N LEU A 520 12.34 1.40 27.60
CA LEU A 520 11.39 0.45 27.02
C LEU A 520 10.26 0.19 28.00
N GLU A 521 9.02 0.42 27.56
CA GLU A 521 7.88 0.16 28.43
C GLU A 521 7.74 -1.33 28.72
N ASP A 522 8.05 -2.17 27.75
CA ASP A 522 7.91 -3.62 27.89
C ASP A 522 9.20 -4.29 28.35
N GLY A 523 10.06 -3.57 29.06
CA GLY A 523 11.29 -4.15 29.58
C GLY A 523 12.30 -4.49 28.51
N ASP A 524 13.15 -5.48 28.78
CA ASP A 524 14.23 -5.85 27.87
C ASP A 524 13.83 -6.95 26.89
N LEU A 525 12.65 -7.54 27.04
CA LEU A 525 12.19 -8.57 26.12
C LEU A 525 11.14 -8.06 25.16
N THR A 526 11.10 -6.76 24.89
CA THR A 526 10.13 -6.18 23.98
C THR A 526 10.20 -6.85 22.62
N VAL A 527 9.03 -7.18 22.07
CA VAL A 527 8.95 -7.59 20.67
C VAL A 527 9.05 -6.32 19.84
N ILE A 528 10.20 -6.13 19.19
CA ILE A 528 10.53 -4.86 18.55
C ILE A 528 9.45 -4.50 17.54
N GLY A 529 9.06 -3.23 17.53
CA GLY A 529 8.12 -2.74 16.53
C GLY A 529 8.56 -3.11 15.13
N ASP A 530 7.62 -3.02 14.20
CA ASP A 530 7.86 -3.43 12.83
C ASP A 530 9.14 -2.80 12.29
N ARG A 531 10.08 -3.64 11.88
CA ARG A 531 11.37 -3.25 11.31
C ARG A 531 12.15 -2.29 12.19
N GLY A 532 12.02 -2.36 13.52
CA GLY A 532 12.82 -1.51 14.37
C GLY A 532 12.34 -0.07 14.46
N THR A 533 11.03 0.15 14.28
CA THR A 533 10.49 1.50 14.40
C THR A 533 10.55 2.03 15.83
N THR A 534 10.85 1.17 16.81
CA THR A 534 10.77 1.57 18.20
C THR A 534 12.11 2.07 18.75
N LEU A 535 13.17 2.07 17.93
CA LEU A 535 14.49 2.45 18.39
C LEU A 535 15.07 3.56 17.54
N SER A 536 15.90 4.40 18.16
CA SER A 536 16.61 5.45 17.44
C SER A 536 18.02 4.97 17.09
N GLY A 537 18.83 5.89 16.56
CA GLY A 537 20.18 5.55 16.17
C GLY A 537 21.02 5.07 17.34
N GLY A 538 21.01 5.82 18.46
CA GLY A 538 21.77 5.40 19.62
C GLY A 538 21.26 4.10 20.22
N GLN A 539 19.95 3.90 20.19
CA GLN A 539 19.38 2.67 20.75
C GLN A 539 19.81 1.45 19.94
N LYS A 540 19.75 1.54 18.60
CA LYS A 540 20.24 0.45 17.78
C LYS A 540 21.74 0.26 17.93
N ALA A 541 22.47 1.37 18.12
CA ALA A 541 23.91 1.26 18.35
C ALA A 541 24.19 0.47 19.62
N ARG A 542 23.45 0.76 20.69
CA ARG A 542 23.65 0.02 21.93
C ARG A 542 23.21 -1.43 21.80
N VAL A 543 22.15 -1.68 21.03
CA VAL A 543 21.76 -3.07 20.76
C VAL A 543 22.89 -3.81 20.06
N ASN A 544 23.49 -3.17 19.05
CA ASN A 544 24.58 -3.80 18.33
C ASN A 544 25.78 -4.05 19.24
N LEU A 545 26.10 -3.08 20.10
CA LEU A 545 27.21 -3.25 21.04
C LEU A 545 26.95 -4.40 22.00
N ALA A 546 25.72 -4.49 22.52
CA ALA A 546 25.37 -5.59 23.41
C ALA A 546 25.49 -6.93 22.69
N ARG A 547 25.01 -6.99 21.44
CA ARG A 547 25.14 -8.21 20.66
C ARG A 547 26.62 -8.59 20.50
N ALA A 548 27.46 -7.61 20.19
CA ALA A 548 28.89 -7.86 20.07
C ALA A 548 29.45 -8.44 21.36
N VAL A 549 29.13 -7.82 22.49
CA VAL A 549 29.61 -8.31 23.78
C VAL A 549 29.12 -9.75 24.01
N TYR A 550 27.91 -10.06 23.56
CA TYR A 550 27.36 -11.39 23.79
C TYR A 550 28.20 -12.51 23.19
N GLN A 551 28.62 -12.38 21.93
CA GLN A 551 29.24 -13.51 21.25
C GLN A 551 30.58 -13.88 21.85
N ASP A 552 31.38 -12.91 22.27
CA ASP A 552 32.70 -13.16 22.84
C ASP A 552 33.51 -13.99 21.84
N ALA A 553 33.65 -13.44 20.64
CA ALA A 553 34.44 -14.08 19.61
C ALA A 553 35.91 -13.72 19.79
N ASP A 554 36.77 -14.30 18.94
CA ASP A 554 38.19 -14.08 19.02
C ASP A 554 38.64 -12.84 18.26
N ILE A 555 37.75 -12.23 17.48
CA ILE A 555 38.05 -11.02 16.72
C ILE A 555 36.90 -10.05 16.91
N TYR A 556 37.20 -8.75 16.86
CA TYR A 556 36.21 -7.70 17.04
C TYR A 556 36.49 -6.60 16.01
N LEU A 557 35.81 -6.66 14.87
CA LEU A 557 35.92 -5.62 13.86
C LEU A 557 34.81 -4.60 14.11
N LEU A 558 35.18 -3.42 14.57
CA LEU A 558 34.22 -2.36 14.90
C LEU A 558 34.50 -1.19 13.97
N ASP A 559 33.44 -0.65 13.35
CA ASP A 559 33.56 0.49 12.45
C ASP A 559 32.94 1.71 13.11
N ASP A 560 33.73 2.39 13.93
CA ASP A 560 33.29 3.59 14.64
C ASP A 560 31.97 3.34 15.38
N PRO A 561 31.92 2.31 16.22
CA PRO A 561 30.66 2.00 16.93
C PRO A 561 30.19 3.10 17.86
N LEU A 562 31.09 3.93 18.37
CA LEU A 562 30.76 4.92 19.38
C LEU A 562 30.23 6.23 18.79
N SER A 563 30.06 6.32 17.48
CA SER A 563 29.56 7.53 16.86
C SER A 563 28.17 7.90 17.36
N ALA A 564 27.41 6.93 17.86
CA ALA A 564 26.03 7.15 18.28
C ALA A 564 25.88 7.29 19.80
N VAL A 565 26.97 7.16 20.56
CA VAL A 565 26.92 7.24 22.01
C VAL A 565 27.73 8.45 22.47
N ASP A 566 27.49 8.87 23.70
CA ASP A 566 28.29 9.93 24.30
C ASP A 566 29.54 9.34 24.96
N ALA A 567 30.42 10.23 25.41
CA ALA A 567 31.72 9.80 25.91
C ALA A 567 31.60 8.96 27.18
N GLU A 568 30.52 9.12 27.95
CA GLU A 568 30.48 8.53 29.28
C GLU A 568 30.42 7.00 29.22
N VAL A 569 29.35 6.46 28.64
CA VAL A 569 29.19 5.00 28.60
C VAL A 569 30.26 4.39 27.70
N SER A 570 30.61 5.08 26.62
CA SER A 570 31.67 4.58 25.75
C SER A 570 32.97 4.41 26.51
N ARG A 571 33.38 5.43 27.28
CA ARG A 571 34.58 5.30 28.10
C ARG A 571 34.43 4.20 29.14
N HIS A 572 33.26 4.12 29.78
CA HIS A 572 33.01 3.06 30.75
C HIS A 572 33.36 1.71 30.17
N LEU A 573 32.69 1.33 29.07
CA LEU A 573 32.94 0.02 28.48
C LEU A 573 34.34 -0.08 27.91
N PHE A 574 34.89 1.02 27.39
CA PHE A 574 36.20 0.96 26.74
C PHE A 574 37.28 0.60 27.74
N GLU A 575 37.30 1.27 28.89
CA GLU A 575 38.38 1.07 29.85
C GLU A 575 38.08 -0.12 30.75
N LEU A 576 36.82 -0.34 31.11
CA LEU A 576 36.47 -1.43 32.00
C LEU A 576 36.19 -2.74 31.26
N CYS A 577 35.56 -2.67 30.09
CA CYS A 577 35.20 -3.89 29.37
C CYS A 577 36.11 -4.13 28.17
N ILE A 578 36.19 -3.17 27.25
CA ILE A 578 36.91 -3.39 26.00
C ILE A 578 38.41 -3.57 26.27
N CYS A 579 38.99 -2.68 27.07
CA CYS A 579 40.43 -2.72 27.30
C CYS A 579 40.81 -3.77 28.33
N GLN A 580 39.84 -4.39 29.01
CA GLN A 580 40.11 -5.44 29.98
C GLN A 580 39.60 -6.79 29.52
N ILE A 581 38.37 -6.84 28.99
CA ILE A 581 37.84 -8.10 28.47
C ILE A 581 38.23 -8.27 27.01
N LEU A 582 37.90 -7.30 26.16
CA LEU A 582 38.05 -7.43 24.72
C LEU A 582 39.47 -7.14 24.23
N HIS A 583 40.33 -6.53 25.06
CA HIS A 583 41.70 -6.30 24.62
C HIS A 583 42.44 -7.63 24.45
N GLU A 584 42.14 -8.61 25.29
CA GLU A 584 42.61 -9.97 25.10
C GLU A 584 42.11 -10.54 23.78
N LYS A 585 40.98 -10.06 23.29
CA LYS A 585 40.50 -10.37 21.95
C LYS A 585 41.14 -9.41 20.95
N ILE A 586 41.23 -9.86 19.71
CA ILE A 586 41.87 -9.08 18.66
C ILE A 586 40.89 -8.01 18.18
N THR A 587 41.11 -6.77 18.61
CA THR A 587 40.21 -5.66 18.33
C THR A 587 40.77 -4.83 17.18
N ILE A 588 39.99 -4.72 16.11
CA ILE A 588 40.27 -3.84 14.98
C ILE A 588 39.17 -2.80 14.96
N LEU A 589 39.43 -1.63 15.54
CA LEU A 589 38.41 -0.64 15.85
C LEU A 589 38.70 0.66 15.11
N VAL A 590 37.70 1.16 14.39
CA VAL A 590 37.78 2.49 13.79
C VAL A 590 37.27 3.51 14.80
N THR A 591 37.79 4.73 14.73
CA THR A 591 37.39 5.75 15.69
C THR A 591 37.65 7.14 15.12
N HIS A 592 36.57 7.89 14.97
CA HIS A 592 36.65 9.33 14.72
C HIS A 592 36.94 10.11 16.00
N GLN A 593 36.61 9.56 17.17
CA GLN A 593 36.64 10.28 18.44
C GLN A 593 38.07 10.32 18.95
N LEU A 594 38.53 11.52 19.30
CA LEU A 594 39.86 11.67 19.89
C LEU A 594 39.91 11.10 21.30
N GLN A 595 38.80 11.19 22.03
CA GLN A 595 38.82 10.87 23.46
C GLN A 595 39.27 9.44 23.73
N TYR A 596 39.18 8.55 22.74
CA TYR A 596 39.58 7.16 22.92
C TYR A 596 40.82 6.80 22.12
N LEU A 597 41.34 7.71 21.29
CA LEU A 597 42.69 7.53 20.77
C LEU A 597 43.69 7.35 21.90
N LYS A 598 43.39 7.94 23.07
CA LYS A 598 44.24 7.75 24.25
C LYS A 598 44.41 6.28 24.56
N ALA A 599 43.38 5.47 24.35
CA ALA A 599 43.35 4.09 24.82
C ALA A 599 43.82 3.08 23.78
N ALA A 600 44.29 3.52 22.62
CA ALA A 600 44.73 2.61 21.58
C ALA A 600 46.20 2.27 21.73
N SER A 601 46.49 1.06 22.21
CA SER A 601 47.87 0.62 22.35
C SER A 601 48.54 0.46 20.99
N GLN A 602 47.82 -0.09 20.01
CA GLN A 602 48.31 -0.20 18.64
C GLN A 602 47.36 0.57 17.74
N ILE A 603 47.92 1.42 16.87
CA ILE A 603 47.13 2.20 15.93
C ILE A 603 47.66 1.91 14.53
N LEU A 604 46.74 1.82 13.56
CA LEU A 604 47.08 1.59 12.16
C LEU A 604 46.34 2.62 11.32
N ILE A 605 47.09 3.37 10.51
CA ILE A 605 46.56 4.55 9.84
C ILE A 605 46.60 4.35 8.33
N LEU A 606 45.53 4.78 7.67
CA LEU A 606 45.36 4.65 6.23
C LEU A 606 44.86 5.97 5.66
N LYS A 607 45.15 6.19 4.37
CA LYS A 607 44.61 7.33 3.63
C LYS A 607 44.27 6.89 2.21
N ASP A 608 42.97 6.83 1.91
CA ASP A 608 42.50 6.51 0.56
C ASP A 608 43.13 5.22 0.05
N GLY A 609 43.13 4.19 0.89
CA GLY A 609 43.69 2.90 0.52
C GLY A 609 45.20 2.83 0.58
N LYS A 610 45.87 3.82 1.16
CA LYS A 610 47.32 3.87 1.22
C LYS A 610 47.79 3.75 2.66
N MET A 611 48.79 2.90 2.87
CA MET A 611 49.29 2.57 4.20
C MET A 611 50.08 3.76 4.75
N VAL A 612 49.44 4.57 5.60
CA VAL A 612 50.13 5.75 6.13
C VAL A 612 51.26 5.33 7.07
N GLN A 613 50.92 4.64 8.15
CA GLN A 613 51.91 4.20 9.12
C GLN A 613 51.23 3.33 10.16
N LYS A 614 52.00 2.43 10.77
CA LYS A 614 51.50 1.52 11.80
C LYS A 614 52.39 1.65 13.03
N GLY A 615 51.77 1.71 14.20
CA GLY A 615 52.51 1.84 15.43
C GLY A 615 51.58 2.09 16.60
N THR A 616 52.16 2.40 17.75
CA THR A 616 51.38 2.66 18.95
C THR A 616 50.98 4.13 19.01
N TYR A 617 49.98 4.41 19.85
CA TYR A 617 49.56 5.78 20.08
C TYR A 617 50.73 6.65 20.54
N THR A 618 51.58 6.11 21.42
CA THR A 618 52.74 6.86 21.86
C THR A 618 53.69 7.16 20.71
N GLU A 619 53.96 6.18 19.84
CA GLU A 619 54.81 6.42 18.69
C GLU A 619 54.19 7.44 17.75
N PHE A 620 52.88 7.34 17.51
CA PHE A 620 52.21 8.27 16.60
C PHE A 620 52.28 9.69 17.13
N LEU A 621 52.09 9.87 18.44
CA LEU A 621 52.26 11.19 19.04
C LEU A 621 53.70 11.66 18.92
N LYS A 622 54.66 10.78 19.21
CA LYS A 622 56.06 11.20 19.25
C LYS A 622 56.58 11.59 17.88
N SER A 623 56.03 10.99 16.81
CA SER A 623 56.47 11.30 15.46
C SER A 623 56.18 12.75 15.07
N GLY A 624 55.31 13.44 15.79
CA GLY A 624 54.98 14.81 15.45
C GLY A 624 53.91 14.96 14.40
N ILE A 625 53.25 13.86 14.02
CA ILE A 625 52.22 13.89 12.99
C ILE A 625 50.86 13.91 13.68
N ASP A 626 50.07 14.94 13.40
CA ASP A 626 48.82 15.18 14.12
C ASP A 626 47.77 14.17 13.67
N PHE A 627 46.99 13.67 14.63
CA PHE A 627 45.89 12.77 14.31
C PHE A 627 44.81 13.46 13.49
N GLY A 628 44.47 14.71 13.84
CA GLY A 628 43.42 15.41 13.12
C GLY A 628 43.76 15.61 11.65
N SER A 629 45.01 15.98 11.36
CA SER A 629 45.41 16.17 9.97
C SER A 629 45.23 14.88 9.17
N LEU A 630 45.57 13.74 9.75
CA LEU A 630 45.40 12.46 9.05
C LEU A 630 43.94 12.05 8.95
N LEU A 631 43.10 12.43 9.91
CA LEU A 631 41.69 12.07 9.88
C LEU A 631 40.80 13.11 9.21
N LYS A 632 41.16 14.39 9.27
CA LYS A 632 40.28 15.45 8.77
C LYS A 632 40.21 15.40 7.26
N LYS A 633 39.01 15.14 6.73
CA LYS A 633 38.78 15.11 5.29
C LYS A 633 37.30 15.30 4.98
CA GLY A 697 -24.79 -0.14 8.13
C GLY A 697 -25.66 -0.08 6.89
N PHE A 698 -26.71 0.74 6.94
CA PHE A 698 -27.58 0.98 5.80
C PHE A 698 -27.78 2.45 5.51
N GLN A 699 -27.22 3.34 6.32
CA GLN A 699 -27.11 4.73 5.90
C GLN A 699 -26.07 4.88 4.81
N ALA A 700 -25.09 3.97 4.76
CA ALA A 700 -24.06 4.00 3.74
C ALA A 700 -24.66 3.79 2.36
N TYR A 701 -25.44 2.72 2.17
CA TYR A 701 -26.02 2.46 0.87
C TYR A 701 -26.97 3.57 0.45
N LYS A 702 -27.80 4.04 1.39
CA LYS A 702 -28.76 5.08 1.05
C LYS A 702 -28.04 6.36 0.63
N ASN A 703 -27.11 6.83 1.46
CA ASN A 703 -26.37 8.05 1.17
C ASN A 703 -25.43 7.90 0.00
N TYR A 704 -25.14 6.67 -0.42
CA TYR A 704 -24.27 6.45 -1.57
C TYR A 704 -25.08 6.50 -2.86
N PHE A 705 -26.21 5.78 -2.90
CA PHE A 705 -27.07 5.83 -4.08
C PHE A 705 -27.77 7.17 -4.23
N ARG A 706 -27.90 7.94 -3.14
CA ARG A 706 -28.50 9.26 -3.23
C ARG A 706 -27.53 10.27 -3.80
N ALA A 707 -26.24 10.16 -3.46
CA ALA A 707 -25.27 11.15 -3.93
C ALA A 707 -25.08 11.09 -5.44
N GLY A 708 -25.47 9.98 -6.07
CA GLY A 708 -25.24 9.81 -7.49
C GLY A 708 -26.44 10.18 -8.35
N ALA A 709 -27.62 9.74 -7.96
CA ALA A 709 -28.81 9.89 -8.79
C ALA A 709 -30.01 10.25 -7.93
N HIS A 710 -31.01 10.84 -8.59
CA HIS A 710 -32.26 11.14 -7.94
C HIS A 710 -33.09 9.86 -7.82
N TRP A 711 -33.69 9.65 -6.64
CA TRP A 711 -34.31 8.38 -6.33
C TRP A 711 -35.25 7.90 -7.43
N ILE A 712 -35.73 8.81 -8.28
CA ILE A 712 -36.45 8.39 -9.47
C ILE A 712 -35.55 7.67 -10.45
N VAL A 713 -34.30 8.11 -10.60
CA VAL A 713 -33.36 7.36 -11.40
C VAL A 713 -32.97 6.07 -10.71
N PHE A 714 -33.09 5.98 -9.38
CA PHE A 714 -32.88 4.69 -8.73
C PHE A 714 -34.05 3.76 -8.97
N ILE A 715 -35.26 4.31 -9.09
CA ILE A 715 -36.41 3.48 -9.48
C ILE A 715 -36.24 2.99 -10.91
N PHE A 716 -35.79 3.87 -11.80
CA PHE A 716 -35.46 3.46 -13.15
C PHE A 716 -34.34 2.42 -13.16
N LEU A 717 -33.36 2.56 -12.26
CA LEU A 717 -32.27 1.60 -12.18
C LEU A 717 -32.79 0.24 -11.73
N ILE A 718 -33.68 0.23 -10.73
CA ILE A 718 -34.27 -1.02 -10.28
C ILE A 718 -35.07 -1.65 -11.42
N LEU A 719 -35.86 -0.86 -12.13
CA LEU A 719 -36.64 -1.37 -13.25
C LEU A 719 -35.76 -1.91 -14.38
N LEU A 720 -34.64 -1.25 -14.67
CA LEU A 720 -33.72 -1.70 -15.70
C LEU A 720 -32.96 -2.94 -15.30
N ASN A 721 -32.53 -3.04 -14.03
CA ASN A 721 -31.97 -4.27 -13.52
C ASN A 721 -32.96 -5.42 -13.64
N THR A 722 -34.18 -5.19 -13.18
CA THR A 722 -35.20 -6.24 -13.23
C THR A 722 -35.53 -6.61 -14.66
N ALA A 723 -35.53 -5.65 -15.59
CA ALA A 723 -35.85 -5.96 -16.97
C ALA A 723 -34.71 -6.68 -17.68
N ALA A 724 -33.47 -6.29 -17.42
CA ALA A 724 -32.33 -7.05 -17.89
C ALA A 724 -32.44 -8.49 -17.45
N GLN A 725 -32.67 -8.71 -16.14
CA GLN A 725 -32.73 -10.07 -15.62
C GLN A 725 -33.95 -10.81 -16.15
N VAL A 726 -35.08 -10.11 -16.29
CA VAL A 726 -36.29 -10.75 -16.78
C VAL A 726 -36.13 -11.20 -18.21
N ALA A 727 -35.48 -10.38 -19.05
CA ALA A 727 -35.23 -10.80 -20.42
C ALA A 727 -34.16 -11.89 -20.49
N TYR A 728 -33.16 -11.83 -19.61
CA TYR A 728 -32.19 -12.91 -19.52
C TYR A 728 -32.89 -14.24 -19.27
N VAL A 729 -33.78 -14.27 -18.28
CA VAL A 729 -34.51 -15.48 -17.97
C VAL A 729 -35.56 -15.80 -19.02
N LEU A 730 -36.07 -14.79 -19.73
CA LEU A 730 -37.17 -15.02 -20.65
C LEU A 730 -36.71 -15.46 -22.03
N GLN A 731 -35.46 -15.25 -22.41
CA GLN A 731 -34.97 -15.95 -23.60
C GLN A 731 -34.97 -17.46 -23.36
N ASP A 732 -34.50 -17.88 -22.19
CA ASP A 732 -34.56 -19.30 -21.83
C ASP A 732 -36.01 -19.77 -21.68
N TRP A 733 -36.87 -18.94 -21.09
CA TRP A 733 -38.29 -19.29 -21.04
C TRP A 733 -38.89 -19.37 -22.43
N TRP A 734 -38.36 -18.61 -23.38
CA TRP A 734 -38.87 -18.66 -24.74
C TRP A 734 -38.41 -19.94 -25.43
N LEU A 735 -37.17 -20.35 -25.20
CA LEU A 735 -36.76 -21.66 -25.69
C LEU A 735 -37.61 -22.76 -25.06
N SER A 736 -38.00 -22.59 -23.79
CA SER A 736 -38.88 -23.55 -23.14
C SER A 736 -40.26 -23.59 -23.80
N TYR A 737 -40.86 -22.42 -24.00
CA TYR A 737 -42.16 -22.32 -24.65
C TYR A 737 -42.11 -22.83 -26.08
N TRP A 738 -40.97 -22.61 -26.74
CA TRP A 738 -40.68 -23.11 -28.07
C TRP A 738 -40.68 -24.64 -28.10
N ALA A 739 -39.99 -25.24 -27.13
CA ALA A 739 -40.03 -26.71 -27.00
C ALA A 739 -41.44 -27.19 -26.73
N ASN A 740 -42.18 -26.49 -25.86
CA ASN A 740 -43.54 -26.88 -25.54
C ASN A 740 -44.45 -26.84 -26.76
N LYS A 741 -44.35 -25.78 -27.56
CA LYS A 741 -45.22 -25.60 -28.71
C LYS A 741 -44.74 -26.34 -29.95
N GLN A 742 -43.53 -26.88 -29.93
CA GLN A 742 -43.14 -27.84 -30.94
C GLN A 742 -43.54 -29.26 -30.55
N SER A 743 -43.46 -29.58 -29.26
CA SER A 743 -43.89 -30.89 -28.79
C SER A 743 -45.40 -31.04 -28.96
N MET A 744 -46.17 -30.05 -28.52
CA MET A 744 -47.63 -30.08 -28.64
C MET A 744 -48.00 -29.80 -30.10
N LEU A 745 -47.63 -30.74 -30.95
CA LEU A 745 -47.76 -30.58 -32.39
C LEU A 745 -47.74 -31.95 -33.06
N ASN A 746 -48.16 -31.97 -34.33
CA ASN A 746 -48.09 -33.15 -35.19
C ASN A 746 -48.12 -34.47 -34.44
N THR A 756 -46.41 -32.94 -39.25
CA THR A 756 -46.40 -32.14 -40.46
C THR A 756 -46.35 -30.66 -40.14
N GLU A 757 -47.16 -30.23 -39.17
CA GLU A 757 -47.26 -28.82 -38.85
C GLU A 757 -45.90 -28.27 -38.46
N LYS A 758 -45.57 -27.12 -39.03
CA LYS A 758 -44.31 -26.43 -38.73
C LYS A 758 -44.64 -25.32 -37.75
N LEU A 759 -43.64 -24.87 -37.00
CA LEU A 759 -43.78 -23.73 -36.12
C LEU A 759 -43.80 -22.45 -36.95
N ASP A 760 -44.42 -21.41 -36.39
CA ASP A 760 -44.45 -20.09 -37.03
C ASP A 760 -43.05 -19.49 -36.91
N LEU A 761 -42.13 -20.05 -37.70
CA LEU A 761 -40.71 -19.72 -37.55
C LEU A 761 -40.50 -18.21 -37.55
N ASN A 762 -41.07 -17.50 -38.53
CA ASN A 762 -40.91 -16.05 -38.52
C ASN A 762 -41.33 -15.46 -37.18
N TRP A 763 -42.53 -15.80 -36.72
CA TRP A 763 -43.03 -15.26 -35.46
C TRP A 763 -42.16 -15.69 -34.28
N TYR A 764 -41.94 -16.99 -34.14
CA TYR A 764 -41.27 -17.49 -32.94
C TYR A 764 -39.82 -17.02 -32.87
N LEU A 765 -39.10 -17.12 -33.97
CA LEU A 765 -37.71 -16.67 -33.95
C LEU A 765 -37.62 -15.15 -33.92
N GLY A 766 -38.64 -14.44 -34.43
CA GLY A 766 -38.66 -13.00 -34.27
C GLY A 766 -38.77 -12.58 -32.82
N ILE A 767 -39.70 -13.19 -32.08
CA ILE A 767 -39.79 -12.89 -30.66
C ILE A 767 -38.56 -13.41 -29.92
N TYR A 768 -37.98 -14.51 -30.37
CA TYR A 768 -36.79 -15.03 -29.73
C TYR A 768 -35.64 -14.04 -29.84
N SER A 769 -35.41 -13.52 -31.04
CA SER A 769 -34.42 -12.47 -31.25
C SER A 769 -34.80 -11.17 -30.58
N GLY A 770 -36.09 -10.86 -30.48
CA GLY A 770 -36.53 -9.71 -29.74
C GLY A 770 -36.10 -9.81 -28.29
N LEU A 771 -36.40 -10.95 -27.65
CA LEU A 771 -35.95 -11.17 -26.28
C LEU A 771 -34.45 -11.16 -26.16
N THR A 772 -33.74 -11.73 -27.14
CA THR A 772 -32.28 -11.76 -27.07
C THR A 772 -31.68 -10.37 -27.15
N VAL A 773 -32.11 -9.57 -28.13
CA VAL A 773 -31.63 -8.20 -28.25
C VAL A 773 -32.10 -7.37 -27.07
N ALA A 774 -33.30 -7.61 -26.55
CA ALA A 774 -33.73 -6.90 -25.35
C ALA A 774 -32.82 -7.23 -24.18
N THR A 775 -32.44 -8.51 -24.02
CA THR A 775 -31.52 -8.88 -22.97
C THR A 775 -30.17 -8.23 -23.14
N VAL A 776 -29.63 -8.21 -24.36
CA VAL A 776 -28.32 -7.62 -24.60
C VAL A 776 -28.37 -6.11 -24.37
N LEU A 777 -29.39 -5.46 -24.93
CA LEU A 777 -29.53 -4.02 -24.77
C LEU A 777 -29.75 -3.63 -23.31
N PHE A 778 -30.57 -4.40 -22.60
CA PHE A 778 -30.81 -4.11 -21.19
C PHE A 778 -29.59 -4.41 -20.35
N GLY A 779 -28.82 -5.44 -20.69
CA GLY A 779 -27.57 -5.67 -20.01
C GLY A 779 -26.61 -4.51 -20.18
N ILE A 780 -26.47 -4.03 -21.42
CA ILE A 780 -25.57 -2.91 -21.68
C ILE A 780 -26.07 -1.65 -21.01
N ALA A 781 -27.37 -1.38 -21.11
CA ALA A 781 -27.94 -0.19 -20.48
C ALA A 781 -27.82 -0.27 -18.97
N ARG A 782 -28.11 -1.43 -18.39
CA ARG A 782 -27.95 -1.64 -16.96
C ARG A 782 -26.52 -1.37 -16.52
N SER A 783 -25.56 -1.96 -17.23
CA SER A 783 -24.17 -1.80 -16.82
C SER A 783 -23.73 -0.35 -16.97
N LEU A 784 -24.03 0.27 -18.12
CA LEU A 784 -23.65 1.65 -18.34
C LEU A 784 -24.32 2.58 -17.35
N LEU A 785 -25.60 2.34 -17.06
CA LEU A 785 -26.33 3.22 -16.14
C LEU A 785 -25.88 3.02 -14.71
N VAL A 786 -25.61 1.79 -14.29
CA VAL A 786 -25.10 1.55 -12.95
C VAL A 786 -23.73 2.19 -12.79
N PHE A 787 -22.84 2.00 -13.77
CA PHE A 787 -21.56 2.67 -13.72
C PHE A 787 -21.72 4.18 -13.74
N TYR A 788 -22.62 4.70 -14.57
CA TYR A 788 -22.78 6.15 -14.64
C TYR A 788 -23.28 6.69 -13.31
N VAL A 789 -24.27 6.04 -12.71
CA VAL A 789 -24.85 6.53 -11.47
C VAL A 789 -23.86 6.38 -10.31
N LEU A 790 -23.08 5.29 -10.29
CA LEU A 790 -22.15 5.10 -9.18
C LEU A 790 -20.88 5.90 -9.35
N VAL A 791 -20.40 6.08 -10.59
CA VAL A 791 -19.28 6.98 -10.84
C VAL A 791 -19.71 8.42 -10.59
N ASN A 792 -20.96 8.75 -10.88
CA ASN A 792 -21.49 10.06 -10.50
C ASN A 792 -21.62 10.18 -8.99
N SER A 793 -21.94 9.08 -8.31
CA SER A 793 -21.91 9.09 -6.85
C SER A 793 -20.50 9.37 -6.36
N SER A 794 -19.51 8.73 -6.95
CA SER A 794 -18.13 8.97 -6.59
C SER A 794 -17.73 10.42 -6.88
N GLN A 795 -18.17 10.95 -8.02
CA GLN A 795 -17.86 12.32 -8.41
C GLN A 795 -18.52 13.36 -7.51
N THR A 796 -19.76 13.13 -7.12
CA THR A 796 -20.46 14.03 -6.20
C THR A 796 -19.96 13.91 -4.78
N LEU A 797 -19.70 12.70 -4.32
CA LEU A 797 -19.09 12.50 -3.01
C LEU A 797 -17.70 13.12 -2.97
N HIS A 798 -16.94 13.02 -4.07
CA HIS A 798 -15.64 13.66 -4.12
C HIS A 798 -15.76 15.17 -4.08
N ASN A 799 -16.73 15.73 -4.80
CA ASN A 799 -16.93 17.17 -4.76
C ASN A 799 -17.28 17.64 -3.35
N LYS A 800 -18.21 16.93 -2.70
CA LYS A 800 -18.55 17.28 -1.32
C LYS A 800 -17.36 17.08 -0.39
N MET A 801 -16.63 15.99 -0.55
CA MET A 801 -15.45 15.68 0.26
C MET A 801 -14.43 16.79 0.18
N PHE A 802 -14.11 17.21 -1.04
CA PHE A 802 -13.11 18.25 -1.24
C PHE A 802 -13.60 19.62 -0.79
N GLU A 803 -14.83 19.99 -1.17
CA GLU A 803 -15.38 21.27 -0.72
C GLU A 803 -15.54 21.32 0.79
N SER A 804 -15.61 20.18 1.46
CA SER A 804 -15.66 20.13 2.92
C SER A 804 -14.28 20.08 3.55
N ILE A 805 -13.28 19.57 2.84
CA ILE A 805 -11.92 19.53 3.38
C ILE A 805 -11.16 20.82 3.07
N LEU A 806 -11.55 21.54 2.01
CA LEU A 806 -11.05 22.91 1.87
C LEU A 806 -11.63 23.80 2.96
N LYS A 807 -12.92 23.63 3.27
CA LYS A 807 -13.57 24.39 4.32
C LYS A 807 -13.51 23.71 5.68
N ALA A 808 -12.96 22.51 5.76
CA ALA A 808 -12.73 21.90 7.07
C ALA A 808 -11.76 22.75 7.86
N PRO A 809 -12.07 23.11 9.10
CA PRO A 809 -11.15 23.97 9.86
C PRO A 809 -9.78 23.32 10.04
N VAL A 810 -8.78 24.17 10.20
CA VAL A 810 -7.40 23.71 10.42
C VAL A 810 -7.37 22.61 11.47
N LEU A 811 -8.27 22.67 12.45
CA LEU A 811 -8.33 21.65 13.48
C LEU A 811 -8.42 20.26 12.87
N PHE A 812 -9.27 20.10 11.86
CA PHE A 812 -9.49 18.78 11.27
C PHE A 812 -8.24 18.24 10.61
N PHE A 813 -7.26 19.09 10.34
CA PHE A 813 -5.96 18.65 9.83
C PHE A 813 -4.94 18.46 10.93
N ASP A 814 -5.08 19.14 12.06
CA ASP A 814 -4.20 18.93 13.20
C ASP A 814 -4.51 17.60 13.88
N ARG A 815 -5.78 17.23 13.96
CA ARG A 815 -6.16 15.97 14.60
C ARG A 815 -5.88 14.77 13.69
N ASN A 816 -5.57 15.03 12.43
CA ASN A 816 -5.36 13.93 11.48
C ASN A 816 -4.04 14.08 10.75
N PRO A 817 -3.40 12.99 10.36
CA PRO A 817 -2.14 13.10 9.62
C PRO A 817 -2.38 13.30 8.13
N ILE A 818 -1.46 14.03 7.51
CA ILE A 818 -1.53 14.29 6.07
C ILE A 818 -1.79 13.00 5.30
N GLY A 819 -1.27 11.88 5.79
CA GLY A 819 -1.40 10.61 5.08
C GLY A 819 -2.77 9.98 5.23
N ARG A 820 -3.45 10.21 6.35
CA ARG A 820 -4.75 9.61 6.55
C ARG A 820 -5.80 10.23 5.63
N ILE A 821 -5.82 11.57 5.55
CA ILE A 821 -6.79 12.24 4.69
C ILE A 821 -6.53 11.89 3.23
N LEU A 822 -5.27 11.98 2.81
CA LEU A 822 -4.95 11.71 1.41
C LEU A 822 -5.23 10.27 1.02
N ASN A 823 -5.18 9.35 1.98
CA ASN A 823 -5.59 7.99 1.69
C ASN A 823 -7.05 7.93 1.28
N ARG A 824 -7.89 8.76 1.91
CA ARG A 824 -9.30 8.81 1.57
C ARG A 824 -9.54 9.35 0.17
N PHE A 825 -8.58 10.08 -0.39
CA PHE A 825 -8.71 10.61 -1.74
C PHE A 825 -8.10 9.71 -2.80
N SER A 826 -7.00 9.02 -2.48
CA SER A 826 -6.44 8.08 -3.45
C SER A 826 -7.15 6.74 -3.38
N LYS A 827 -6.99 6.02 -2.27
CA LYS A 827 -7.46 4.64 -2.19
C LYS A 827 -8.99 4.56 -2.17
N ASP A 828 -9.61 5.35 -1.30
CA ASP A 828 -11.06 5.25 -1.12
C ASP A 828 -11.79 5.73 -2.37
N ILE A 829 -11.37 6.87 -2.92
CA ILE A 829 -12.05 7.39 -4.10
C ILE A 829 -11.67 6.58 -5.33
N GLY A 830 -10.55 5.86 -5.29
CA GLY A 830 -10.29 4.88 -6.33
C GLY A 830 -11.24 3.71 -6.26
N HIS A 831 -11.54 3.24 -5.05
CA HIS A 831 -12.55 2.21 -4.89
C HIS A 831 -13.90 2.71 -5.41
N LEU A 832 -14.29 3.92 -5.01
CA LEU A 832 -15.57 4.46 -5.42
C LEU A 832 -15.61 4.74 -6.92
N ASP A 833 -14.45 5.01 -7.53
CA ASP A 833 -14.37 5.35 -8.94
C ASP A 833 -14.14 4.14 -9.82
N ASP A 834 -13.18 3.29 -9.45
CA ASP A 834 -12.71 2.21 -10.29
C ASP A 834 -13.34 0.87 -9.93
N LEU A 835 -13.23 0.44 -8.68
CA LEU A 835 -13.54 -0.95 -8.36
C LEU A 835 -14.93 -1.10 -7.76
N LEU A 836 -15.34 -0.20 -6.88
CA LEU A 836 -16.65 -0.34 -6.24
C LEU A 836 -17.79 -0.27 -7.23
N PRO A 837 -17.85 0.66 -8.18
CA PRO A 837 -18.90 0.56 -9.21
C PRO A 837 -18.88 -0.78 -9.93
N LEU A 838 -17.71 -1.27 -10.28
CA LEU A 838 -17.59 -2.55 -10.99
C LEU A 838 -17.96 -3.72 -10.10
N THR A 839 -17.40 -3.78 -8.88
CA THR A 839 -17.74 -4.84 -7.95
C THR A 839 -19.21 -4.85 -7.60
N PHE A 840 -19.82 -3.68 -7.48
CA PHE A 840 -21.22 -3.55 -7.09
C PHE A 840 -22.17 -3.89 -8.23
N LEU A 841 -21.84 -3.50 -9.47
CA LEU A 841 -22.62 -3.97 -10.60
C LEU A 841 -22.45 -5.46 -10.84
N ASP A 842 -21.26 -6.02 -10.59
CA ASP A 842 -21.11 -7.46 -10.67
C ASP A 842 -21.92 -8.15 -9.58
N PHE A 843 -21.96 -7.58 -8.39
CA PHE A 843 -22.78 -8.15 -7.33
C PHE A 843 -24.25 -8.13 -7.73
N ILE A 844 -24.73 -6.99 -8.23
CA ILE A 844 -26.14 -6.91 -8.61
C ILE A 844 -26.44 -7.87 -9.75
N GLN A 845 -25.52 -7.99 -10.70
CA GLN A 845 -25.75 -8.83 -11.87
C GLN A 845 -25.80 -10.30 -11.49
N THR A 846 -24.81 -10.76 -10.72
CA THR A 846 -24.80 -12.14 -10.28
C THR A 846 -25.93 -12.42 -9.29
N LEU A 847 -26.27 -11.44 -8.45
CA LEU A 847 -27.39 -11.61 -7.52
C LEU A 847 -28.71 -11.73 -8.27
N LEU A 848 -28.90 -10.95 -9.33
CA LEU A 848 -30.14 -11.05 -10.07
C LEU A 848 -30.19 -12.32 -10.90
N GLN A 849 -29.04 -12.85 -11.34
CA GLN A 849 -29.08 -14.17 -11.96
C GLN A 849 -29.33 -15.27 -10.94
N VAL A 850 -28.81 -15.10 -9.71
CA VAL A 850 -29.13 -16.02 -8.63
C VAL A 850 -30.64 -16.01 -8.37
N VAL A 851 -31.22 -14.81 -8.30
CA VAL A 851 -32.65 -14.69 -8.07
C VAL A 851 -33.42 -15.21 -9.27
N GLY A 852 -32.86 -15.10 -10.47
CA GLY A 852 -33.51 -15.70 -11.63
C GLY A 852 -33.55 -17.21 -11.55
N VAL A 853 -32.45 -17.82 -11.13
CA VAL A 853 -32.42 -19.27 -10.91
C VAL A 853 -33.46 -19.65 -9.87
N VAL A 854 -33.34 -19.05 -8.68
CA VAL A 854 -34.21 -19.34 -7.54
C VAL A 854 -35.66 -19.17 -7.95
N SER A 855 -35.97 -18.09 -8.67
CA SER A 855 -37.35 -17.78 -9.02
C SER A 855 -37.87 -18.65 -10.15
N VAL A 856 -37.01 -19.11 -11.07
CA VAL A 856 -37.45 -20.09 -12.04
C VAL A 856 -37.84 -21.39 -11.35
N ALA A 857 -37.02 -21.83 -10.39
CA ALA A 857 -37.37 -23.01 -9.62
C ALA A 857 -38.66 -22.80 -8.84
N VAL A 858 -38.76 -21.64 -8.16
CA VAL A 858 -39.91 -21.35 -7.31
C VAL A 858 -41.14 -21.06 -8.15
N ALA A 859 -40.99 -20.89 -9.47
CA ALA A 859 -42.11 -20.61 -10.33
C ALA A 859 -42.53 -21.80 -11.19
N VAL A 860 -41.66 -22.79 -11.34
CA VAL A 860 -42.06 -24.01 -12.01
C VAL A 860 -42.47 -25.08 -11.00
N ILE A 861 -41.69 -25.26 -9.94
CA ILE A 861 -42.15 -26.03 -8.78
C ILE A 861 -42.33 -25.04 -7.64
N PRO A 862 -43.53 -24.49 -7.43
CA PRO A 862 -43.68 -23.52 -6.33
C PRO A 862 -43.34 -24.08 -4.98
N TRP A 863 -43.59 -25.38 -4.75
CA TRP A 863 -43.31 -25.98 -3.45
C TRP A 863 -41.86 -25.81 -3.05
N ILE A 864 -40.96 -25.59 -4.01
CA ILE A 864 -39.54 -25.37 -3.69
C ILE A 864 -39.38 -24.28 -2.65
N ALA A 865 -40.30 -23.30 -2.64
CA ALA A 865 -40.14 -22.19 -1.70
C ALA A 865 -40.07 -22.68 -0.26
N ILE A 866 -40.66 -23.85 0.01
CA ILE A 866 -40.71 -24.39 1.37
C ILE A 866 -39.33 -24.86 1.80
N PRO A 867 -38.60 -25.66 1.01
CA PRO A 867 -37.18 -25.90 1.33
C PRO A 867 -36.33 -24.64 1.37
N LEU A 868 -36.63 -23.66 0.52
CA LEU A 868 -35.80 -22.45 0.48
C LEU A 868 -35.70 -21.78 1.85
N VAL A 869 -36.83 -21.52 2.50
CA VAL A 869 -36.80 -20.67 3.69
C VAL A 869 -35.97 -21.32 4.80
N PRO A 870 -35.88 -22.65 4.92
CA PRO A 870 -34.75 -23.18 5.71
C PRO A 870 -33.42 -22.79 5.12
N LEU A 871 -33.15 -23.20 3.88
CA LEU A 871 -31.87 -22.89 3.26
C LEU A 871 -31.55 -21.42 3.38
N GLY A 872 -32.45 -20.55 2.91
CA GLY A 872 -32.27 -19.13 3.11
C GLY A 872 -31.80 -18.81 4.53
N ILE A 873 -32.62 -19.11 5.53
CA ILE A 873 -32.21 -18.87 6.91
C ILE A 873 -30.84 -19.48 7.16
N ILE A 874 -30.70 -20.76 6.85
CA ILE A 874 -29.40 -21.40 7.04
C ILE A 874 -28.33 -20.58 6.34
N PHE A 875 -28.50 -20.35 5.03
CA PHE A 875 -27.56 -19.51 4.32
C PHE A 875 -27.29 -18.23 5.09
N ILE A 876 -28.35 -17.48 5.40
CA ILE A 876 -28.16 -16.22 6.11
C ILE A 876 -27.33 -16.47 7.37
N PHE A 877 -27.78 -17.40 8.21
CA PHE A 877 -27.04 -17.64 9.44
C PHE A 877 -25.66 -18.18 9.15
N LEU A 878 -25.56 -19.10 8.18
CA LEU A 878 -24.24 -19.55 7.75
C LEU A 878 -23.38 -18.35 7.39
N ARG A 879 -23.92 -17.43 6.59
CA ARG A 879 -23.14 -16.27 6.18
C ARG A 879 -22.79 -15.41 7.37
N ARG A 880 -23.67 -15.36 8.38
CA ARG A 880 -23.31 -14.71 9.63
C ARG A 880 -22.27 -15.53 10.38
N TYR A 881 -22.47 -16.85 10.43
CA TYR A 881 -21.56 -17.72 11.16
C TYR A 881 -20.16 -17.68 10.54
N PHE A 882 -20.09 -17.62 9.21
CA PHE A 882 -18.82 -17.66 8.52
C PHE A 882 -18.08 -16.33 8.62
N LEU A 883 -18.72 -15.25 8.21
CA LEU A 883 -18.04 -13.96 8.09
C LEU A 883 -17.42 -13.49 9.39
N GLU A 884 -17.78 -14.08 10.54
CA GLU A 884 -17.15 -13.70 11.78
C GLU A 884 -15.70 -14.20 11.83
N THR A 885 -15.47 -15.45 11.44
CA THR A 885 -14.13 -16.01 11.41
C THR A 885 -13.36 -15.60 10.17
N SER A 886 -14.01 -15.61 9.00
CA SER A 886 -13.33 -15.28 7.76
C SER A 886 -13.11 -13.80 7.57
N ARG A 887 -13.33 -13.00 8.59
CA ARG A 887 -12.83 -11.63 8.65
C ARG A 887 -11.72 -11.50 9.67
N ASP A 888 -11.63 -12.45 10.60
CA ASP A 888 -10.49 -12.60 11.49
C ASP A 888 -9.42 -13.51 10.91
N VAL A 889 -9.69 -14.18 9.79
CA VAL A 889 -8.69 -14.98 9.09
C VAL A 889 -8.07 -14.10 8.02
N LYS A 890 -8.92 -13.51 7.17
CA LYS A 890 -8.47 -12.53 6.19
C LYS A 890 -7.74 -11.37 6.84
N ARG A 891 -7.87 -11.20 8.16
CA ARG A 891 -7.05 -10.25 8.90
C ARG A 891 -5.77 -10.89 9.42
N LEU A 892 -5.80 -12.19 9.73
CA LEU A 892 -4.57 -12.89 10.09
C LEU A 892 -3.73 -13.21 8.85
N GLU A 893 -4.40 -13.50 7.73
CA GLU A 893 -3.67 -13.72 6.49
C GLU A 893 -2.88 -12.49 6.09
N SER A 894 -3.30 -11.30 6.53
CA SER A 894 -2.66 -10.05 6.14
C SER A 894 -1.79 -9.45 7.22
N THR A 895 -2.13 -9.65 8.49
CA THR A 895 -1.31 -9.09 9.58
C THR A 895 -0.07 -9.92 9.87
N THR A 896 -0.04 -11.17 9.41
CA THR A 896 1.13 -12.02 9.57
C THR A 896 1.99 -12.10 8.33
N ARG A 897 1.54 -11.53 7.21
CA ARG A 897 2.36 -11.50 6.00
C ARG A 897 3.50 -10.50 6.13
N SER A 898 3.24 -9.34 6.74
CA SER A 898 4.24 -8.28 6.75
C SER A 898 5.54 -8.70 7.41
N PRO A 899 5.54 -9.53 8.47
CA PRO A 899 6.82 -10.02 9.00
C PRO A 899 7.67 -10.75 7.98
N VAL A 900 7.02 -11.48 7.06
CA VAL A 900 7.76 -12.23 6.05
C VAL A 900 8.65 -11.27 5.26
N PHE A 901 8.06 -10.18 4.78
CA PHE A 901 8.82 -9.19 4.01
C PHE A 901 9.75 -8.38 4.90
N SER A 902 9.34 -8.13 6.14
CA SER A 902 10.14 -7.35 7.08
C SER A 902 11.46 -8.04 7.43
N HIS A 903 11.44 -9.35 7.67
CA HIS A 903 12.68 -10.05 7.98
C HIS A 903 13.65 -9.96 6.81
N LEU A 904 13.15 -10.19 5.60
CA LEU A 904 13.97 -9.99 4.41
C LEU A 904 14.57 -8.59 4.38
N SER A 905 13.72 -7.57 4.48
CA SER A 905 14.18 -6.19 4.40
C SER A 905 15.26 -5.91 5.43
N SER A 906 15.08 -6.37 6.66
CA SER A 906 16.03 -6.05 7.72
C SER A 906 17.33 -6.82 7.53
N SER A 907 17.24 -8.11 7.20
CA SER A 907 18.44 -8.91 6.99
C SER A 907 19.25 -8.31 5.85
N LEU A 908 18.58 -7.73 4.85
CA LEU A 908 19.32 -7.11 3.76
C LEU A 908 20.16 -5.94 4.25
N GLN A 909 19.67 -5.23 5.28
CA GLN A 909 20.40 -4.07 5.78
C GLN A 909 21.67 -4.47 6.51
N GLY A 910 21.58 -5.47 7.40
CA GLY A 910 22.73 -5.91 8.15
C GLY A 910 23.23 -7.28 7.70
N LEU A 911 23.18 -7.53 6.41
CA LEU A 911 23.70 -8.78 5.87
C LEU A 911 25.16 -8.97 6.22
N TRP A 912 25.94 -7.88 6.28
CA TRP A 912 27.33 -8.01 6.69
C TRP A 912 27.43 -8.42 8.15
N THR A 913 26.57 -7.84 9.00
CA THR A 913 26.53 -8.25 10.40
C THR A 913 26.15 -9.72 10.52
N ILE A 914 25.25 -10.19 9.66
CA ILE A 914 24.82 -11.57 9.69
C ILE A 914 26.01 -12.45 9.33
N ARG A 915 26.54 -12.28 8.12
CA ARG A 915 27.58 -13.17 7.63
C ARG A 915 28.88 -13.04 8.41
N ALA A 916 29.11 -11.95 9.12
CA ALA A 916 30.21 -11.92 10.09
C ALA A 916 30.07 -13.07 11.07
N TYR A 917 28.84 -13.36 11.47
CA TYR A 917 28.49 -14.53 12.27
C TYR A 917 28.07 -15.62 11.30
N LYS A 918 28.49 -16.85 11.54
CA LYS A 918 27.82 -17.92 10.81
C LYS A 918 26.41 -17.96 11.36
N ALA A 919 25.47 -17.37 10.62
CA ALA A 919 24.11 -17.16 11.09
C ALA A 919 23.10 -17.33 9.97
N GLU A 920 23.54 -17.64 8.75
CA GLU A 920 22.60 -17.96 7.69
C GLU A 920 21.82 -19.22 8.02
N GLU A 921 22.30 -19.98 9.01
CA GLU A 921 21.56 -21.14 9.49
C GLU A 921 20.38 -20.71 10.36
N ARG A 922 20.59 -19.74 11.25
CA ARG A 922 19.56 -19.36 12.22
C ARG A 922 18.59 -18.33 11.66
N CYS A 923 19.09 -17.21 11.13
CA CYS A 923 18.20 -16.24 10.49
C CYS A 923 17.35 -16.88 9.41
N GLN A 924 17.89 -17.87 8.71
CA GLN A 924 17.07 -18.68 7.82
C GLN A 924 15.94 -19.32 8.59
N GLU A 925 16.19 -19.73 9.83
CA GLU A 925 15.14 -20.37 10.63
C GLU A 925 14.11 -19.36 11.10
N LEU A 926 14.53 -18.14 11.44
CA LEU A 926 13.54 -17.12 11.78
C LEU A 926 12.65 -16.80 10.60
N PHE A 927 13.24 -16.69 9.41
CA PHE A 927 12.39 -16.46 8.23
C PHE A 927 11.51 -17.67 7.95
N ASP A 928 12.01 -18.88 8.24
CA ASP A 928 11.18 -20.06 8.12
C ASP A 928 10.00 -19.98 9.07
N ALA A 929 10.22 -19.51 10.29
CA ALA A 929 9.12 -19.27 11.22
C ALA A 929 8.13 -18.29 10.62
N HIS A 930 8.57 -17.05 10.38
CA HIS A 930 7.68 -16.03 9.82
C HIS A 930 6.86 -16.56 8.66
N GLN A 931 7.51 -17.25 7.71
CA GLN A 931 6.81 -17.83 6.58
C GLN A 931 5.84 -18.93 7.00
N ASP A 932 6.19 -19.73 8.00
CA ASP A 932 5.29 -20.77 8.51
C ASP A 932 4.05 -20.19 9.17
N LEU A 933 4.21 -19.18 10.01
CA LEU A 933 3.13 -18.47 10.66
C LEU A 933 2.21 -17.79 9.66
N HIS A 934 2.78 -17.10 8.67
CA HIS A 934 1.93 -16.61 7.60
C HIS A 934 1.32 -17.74 6.79
N SER A 935 1.96 -18.90 6.73
CA SER A 935 1.35 -20.03 6.07
C SER A 935 0.31 -20.70 6.95
N GLU A 936 0.38 -20.54 8.27
CA GLU A 936 -0.75 -20.91 9.12
C GLU A 936 -1.94 -20.00 8.82
N ALA A 937 -1.70 -18.70 8.74
CA ALA A 937 -2.77 -17.76 8.42
C ALA A 937 -3.33 -18.02 7.02
N TRP A 938 -2.45 -18.26 6.05
CA TRP A 938 -2.91 -18.58 4.70
C TRP A 938 -3.55 -19.94 4.61
N PHE A 939 -3.15 -20.87 5.48
CA PHE A 939 -3.81 -22.18 5.53
C PHE A 939 -5.24 -22.02 6.02
N LEU A 940 -5.45 -21.20 7.04
CA LEU A 940 -6.81 -20.92 7.48
C LEU A 940 -7.57 -20.12 6.45
N PHE A 941 -6.91 -19.19 5.74
CA PHE A 941 -7.57 -18.47 4.67
C PHE A 941 -8.01 -19.43 3.57
N LEU A 942 -7.18 -20.40 3.24
CA LEU A 942 -7.50 -21.37 2.21
C LEU A 942 -8.61 -22.32 2.65
N THR A 943 -8.63 -22.69 3.93
CA THR A 943 -9.53 -23.74 4.39
C THR A 943 -10.84 -23.23 4.96
N THR A 944 -10.87 -22.05 5.58
CA THR A 944 -12.16 -21.47 5.98
C THR A 944 -12.97 -21.08 4.76
N SER A 945 -12.31 -20.59 3.71
CA SER A 945 -13.02 -20.28 2.48
C SER A 945 -13.56 -21.54 1.83
N ARG A 946 -12.85 -22.66 1.96
CA ARG A 946 -13.35 -23.92 1.42
C ARG A 946 -14.43 -24.52 2.30
N TRP A 947 -14.37 -24.30 3.62
CA TRP A 947 -15.48 -24.67 4.50
C TRP A 947 -16.75 -23.94 4.10
N PHE A 948 -16.67 -22.61 4.01
CA PHE A 948 -17.82 -21.82 3.61
C PHE A 948 -18.30 -22.20 2.22
N ALA A 949 -17.36 -22.44 1.31
CA ALA A 949 -17.73 -22.81 -0.04
C ALA A 949 -18.33 -24.21 -0.11
N VAL A 950 -17.89 -25.13 0.74
CA VAL A 950 -18.51 -26.45 0.81
C VAL A 950 -19.95 -26.32 1.28
N ARG A 951 -20.19 -25.48 2.27
CA ARG A 951 -21.57 -25.35 2.76
C ARG A 951 -22.45 -24.56 1.79
N LEU A 952 -21.91 -23.52 1.16
CA LEU A 952 -22.67 -22.84 0.12
C LEU A 952 -22.99 -23.80 -1.03
N ASP A 953 -22.03 -24.63 -1.40
CA ASP A 953 -22.24 -25.58 -2.48
C ASP A 953 -23.14 -26.73 -2.06
N ALA A 954 -23.22 -27.03 -0.76
CA ALA A 954 -24.23 -27.95 -0.28
C ALA A 954 -25.60 -27.33 -0.34
N ILE A 955 -25.71 -26.02 -0.10
CA ILE A 955 -26.97 -25.33 -0.30
C ILE A 955 -27.39 -25.42 -1.77
N CYS A 956 -26.46 -25.12 -2.67
CA CYS A 956 -26.78 -25.17 -4.10
C CYS A 956 -27.02 -26.60 -4.57
N ALA A 957 -26.36 -27.59 -3.96
CA ALA A 957 -26.60 -28.98 -4.31
C ALA A 957 -27.92 -29.48 -3.77
N MET A 958 -28.34 -29.01 -2.59
CA MET A 958 -29.69 -29.28 -2.14
C MET A 958 -30.69 -28.67 -3.09
N PHE A 959 -30.42 -27.46 -3.58
CA PHE A 959 -31.26 -26.86 -4.61
C PHE A 959 -31.33 -27.75 -5.85
N VAL A 960 -30.19 -28.26 -6.29
CA VAL A 960 -30.15 -29.10 -7.50
C VAL A 960 -30.86 -30.42 -7.25
N ILE A 961 -30.77 -30.97 -6.04
CA ILE A 961 -31.42 -32.23 -5.73
C ILE A 961 -32.93 -32.06 -5.61
N ILE A 962 -33.40 -30.90 -5.13
CA ILE A 962 -34.83 -30.69 -5.01
C ILE A 962 -35.47 -30.20 -6.30
N VAL A 963 -34.67 -29.65 -7.22
CA VAL A 963 -35.18 -29.39 -8.57
C VAL A 963 -35.03 -30.60 -9.49
N ALA A 964 -34.11 -31.52 -9.17
CA ALA A 964 -33.92 -32.72 -9.96
C ALA A 964 -34.85 -33.85 -9.54
N PHE A 965 -34.97 -34.10 -8.24
CA PHE A 965 -35.92 -35.07 -7.73
C PHE A 965 -37.30 -34.45 -7.53
N GLY A 966 -37.37 -33.31 -6.86
CA GLY A 966 -38.62 -32.60 -6.68
C GLY A 966 -39.37 -32.44 -7.99
N SER A 967 -38.63 -32.37 -9.10
CA SER A 967 -39.26 -32.33 -10.40
C SER A 967 -39.83 -33.69 -10.79
N LEU A 968 -39.05 -34.75 -10.59
CA LEU A 968 -39.48 -36.08 -11.02
C LEU A 968 -40.61 -36.62 -10.15
N ILE A 969 -40.74 -36.13 -8.92
CA ILE A 969 -41.87 -36.48 -8.08
C ILE A 969 -43.04 -35.56 -8.43
N LEU A 970 -42.85 -34.72 -9.46
CA LEU A 970 -43.88 -33.82 -9.95
C LEU A 970 -44.00 -33.89 -11.46
N ALA A 971 -43.48 -34.96 -12.07
CA ALA A 971 -43.39 -35.02 -13.53
C ALA A 971 -44.75 -35.02 -14.21
N LYS A 972 -45.84 -35.30 -13.47
CA LYS A 972 -47.16 -35.24 -14.08
C LYS A 972 -47.49 -33.83 -14.52
N THR A 973 -47.16 -32.84 -13.70
CA THR A 973 -47.48 -31.45 -14.04
C THR A 973 -46.48 -30.89 -15.04
N LEU A 974 -45.21 -30.88 -14.67
CA LEU A 974 -44.18 -30.27 -15.51
C LEU A 974 -44.05 -30.99 -16.84
N ASP A 975 -43.84 -30.22 -17.90
CA ASP A 975 -43.45 -30.74 -19.19
C ASP A 975 -41.97 -30.42 -19.42
N ALA A 976 -41.48 -30.78 -20.61
CA ALA A 976 -40.04 -30.71 -20.87
C ALA A 976 -39.50 -29.31 -20.61
N GLY A 977 -40.00 -28.31 -21.35
CA GLY A 977 -39.42 -26.98 -21.28
C GLY A 977 -39.29 -26.45 -19.86
N GLN A 978 -40.31 -26.68 -19.04
CA GLN A 978 -40.29 -26.16 -17.66
C GLN A 978 -39.12 -26.76 -16.88
N VAL A 979 -38.99 -28.09 -16.89
CA VAL A 979 -37.90 -28.73 -16.16
C VAL A 979 -36.57 -28.31 -16.73
N GLY A 980 -36.46 -28.27 -18.06
CA GLY A 980 -35.25 -27.78 -18.67
C GLY A 980 -34.84 -26.43 -18.11
N LEU A 981 -35.71 -25.44 -18.26
CA LEU A 981 -35.41 -24.11 -17.74
C LEU A 981 -34.97 -24.18 -16.28
N ALA A 982 -35.80 -24.78 -15.42
CA ALA A 982 -35.56 -24.76 -13.99
C ALA A 982 -34.23 -25.42 -13.63
N LEU A 983 -33.99 -26.61 -14.17
CA LEU A 983 -32.78 -27.34 -13.78
C LEU A 983 -31.54 -26.72 -14.43
N SER A 984 -31.54 -26.54 -15.75
CA SER A 984 -30.46 -25.82 -16.39
C SER A 984 -30.06 -24.59 -15.59
N TYR A 985 -31.03 -23.88 -15.01
CA TYR A 985 -30.68 -22.75 -14.16
C TYR A 985 -30.10 -23.20 -12.83
N ALA A 986 -30.61 -24.30 -12.27
CA ALA A 986 -30.05 -24.80 -11.02
C ALA A 986 -28.58 -25.17 -11.17
N LEU A 987 -28.25 -25.90 -12.24
CA LEU A 987 -26.86 -26.25 -12.51
C LEU A 987 -25.97 -25.02 -12.55
N THR A 988 -26.45 -23.95 -13.17
CA THR A 988 -25.71 -22.69 -13.17
C THR A 988 -25.61 -22.09 -11.77
N LEU A 989 -26.64 -22.26 -10.94
CA LEU A 989 -26.56 -21.82 -9.55
C LEU A 989 -25.21 -22.17 -8.96
N MET A 990 -24.74 -23.39 -9.22
CA MET A 990 -23.41 -23.83 -8.81
C MET A 990 -22.36 -22.83 -9.26
N GLY A 991 -21.61 -22.26 -8.31
CA GLY A 991 -20.54 -21.35 -8.64
C GLY A 991 -21.01 -19.93 -8.79
N MET A 992 -22.13 -19.73 -9.50
CA MET A 992 -22.67 -18.38 -9.65
C MET A 992 -23.21 -17.84 -8.33
N PHE A 993 -23.79 -18.70 -7.49
CA PHE A 993 -24.22 -18.27 -6.16
C PHE A 993 -23.01 -18.00 -5.28
N GLN A 994 -21.96 -18.80 -5.42
CA GLN A 994 -20.74 -18.53 -4.69
C GLN A 994 -20.17 -17.17 -5.08
N TRP A 995 -20.17 -16.85 -6.38
CA TRP A 995 -19.71 -15.54 -6.81
C TRP A 995 -20.63 -14.44 -6.30
N CYS A 996 -21.94 -14.71 -6.25
CA CYS A 996 -22.84 -13.75 -5.62
C CYS A 996 -22.39 -13.42 -4.21
N VAL A 997 -22.06 -14.44 -3.42
CA VAL A 997 -21.70 -14.20 -2.03
C VAL A 997 -20.32 -13.53 -1.92
N ARG A 998 -19.36 -13.96 -2.73
CA ARG A 998 -18.06 -13.30 -2.74
C ARG A 998 -18.23 -11.82 -3.07
N GLN A 999 -19.03 -11.51 -4.08
CA GLN A 999 -19.22 -10.13 -4.48
C GLN A 999 -19.99 -9.35 -3.41
N SER A 1000 -20.91 -10.02 -2.71
CA SER A 1000 -21.58 -9.35 -1.61
C SER A 1000 -20.63 -8.97 -0.50
N ALA A 1001 -19.72 -9.87 -0.12
CA ALA A 1001 -18.70 -9.52 0.86
C ALA A 1001 -17.75 -8.45 0.34
N GLU A 1002 -17.38 -8.52 -0.94
CA GLU A 1002 -16.54 -7.51 -1.54
C GLU A 1002 -17.20 -6.14 -1.45
N VAL A 1003 -18.48 -6.05 -1.81
CA VAL A 1003 -19.22 -4.80 -1.70
C VAL A 1003 -19.28 -4.35 -0.24
N GLU A 1004 -19.51 -5.29 0.67
CA GLU A 1004 -19.79 -4.91 2.05
C GLU A 1004 -18.54 -4.48 2.79
N ASN A 1005 -17.36 -4.84 2.30
CA ASN A 1005 -16.12 -4.30 2.85
C ASN A 1005 -15.52 -3.19 1.99
N MET A 1006 -15.96 -3.06 0.74
CA MET A 1006 -15.64 -1.90 -0.09
C MET A 1006 -16.59 -0.74 0.16
N MET A 1007 -17.76 -1.01 0.73
CA MET A 1007 -18.66 0.04 1.18
C MET A 1007 -18.22 0.67 2.48
N ILE A 1008 -17.10 0.19 3.05
CA ILE A 1008 -16.44 0.93 4.11
C ILE A 1008 -15.64 2.09 3.54
N SER A 1009 -15.19 1.98 2.28
CA SER A 1009 -14.63 3.14 1.59
C SER A 1009 -15.70 4.21 1.41
N VAL A 1010 -16.92 3.80 1.04
CA VAL A 1010 -18.02 4.73 0.91
C VAL A 1010 -18.39 5.33 2.26
N GLU A 1011 -18.48 4.51 3.30
CA GLU A 1011 -18.73 5.05 4.64
C GLU A 1011 -17.61 5.96 5.09
N ARG A 1012 -16.37 5.58 4.82
CA ARG A 1012 -15.22 6.38 5.23
C ARG A 1012 -15.08 7.64 4.40
N VAL A 1013 -15.77 7.72 3.26
CA VAL A 1013 -15.83 8.94 2.47
C VAL A 1013 -16.96 9.85 2.93
N ILE A 1014 -18.18 9.29 3.06
CA ILE A 1014 -19.30 10.08 3.57
C ILE A 1014 -19.07 10.53 5.00
N GLU A 1015 -18.09 9.96 5.69
CA GLU A 1015 -17.67 10.53 6.96
C GLU A 1015 -17.19 11.97 6.78
N TYR A 1016 -16.60 12.29 5.64
CA TYR A 1016 -16.02 13.62 5.40
C TYR A 1016 -17.01 14.60 4.81
N THR A 1017 -17.88 14.18 3.89
CA THR A 1017 -18.85 15.11 3.32
C THR A 1017 -19.63 15.80 4.41
N ASP A 1018 -20.06 15.06 5.43
CA ASP A 1018 -20.69 15.62 6.62
C ASP A 1018 -19.58 15.90 7.63
N LEU A 1019 -19.09 17.14 7.64
CA LEU A 1019 -17.97 17.54 8.47
C LEU A 1019 -18.11 19.00 8.84
N GLU A 1020 -17.78 19.32 10.10
CA GLU A 1020 -17.95 20.67 10.61
C GLU A 1020 -17.16 21.68 9.79
N LYS A 1021 -17.87 22.61 9.16
CA LYS A 1021 -17.23 23.65 8.37
C LYS A 1021 -16.94 24.88 9.23
N GLU A 1022 -15.85 25.57 8.89
CA GLU A 1022 -15.52 26.82 9.58
C GLU A 1022 -16.43 27.92 9.06
N ALA A 1023 -16.25 29.14 9.55
CA ALA A 1023 -17.15 30.23 9.22
C ALA A 1023 -17.29 30.35 7.71
N PRO A 1024 -18.40 30.90 7.22
CA PRO A 1024 -18.58 31.07 5.77
C PRO A 1024 -17.50 31.96 5.19
N TRP A 1025 -17.09 31.63 3.96
CA TRP A 1025 -16.08 32.42 3.26
C TRP A 1025 -16.57 33.83 2.98
N GLU A 1026 -17.84 33.98 2.61
CA GLU A 1026 -18.41 35.29 2.30
C GLU A 1026 -19.70 35.49 3.05
N TYR A 1027 -19.76 36.54 3.85
CA TYR A 1027 -21.01 37.04 4.42
C TYR A 1027 -21.59 38.12 3.51
N GLN A 1028 -22.86 38.43 3.73
CA GLN A 1028 -23.48 39.53 2.99
C GLN A 1028 -23.06 40.88 3.55
N LYS A 1029 -22.71 40.93 4.85
CA LYS A 1029 -22.17 42.15 5.46
C LYS A 1029 -20.68 42.19 5.18
N ARG A 1030 -20.28 42.96 4.17
CA ARG A 1030 -18.88 42.99 3.78
C ARG A 1030 -18.25 44.33 4.09
N PRO A 1031 -16.92 44.35 4.26
CA PRO A 1031 -16.21 45.61 4.45
C PRO A 1031 -16.08 46.37 3.15
N PRO A 1032 -15.58 47.61 3.19
CA PRO A 1032 -15.32 48.35 1.96
C PRO A 1032 -14.35 47.60 1.06
N PRO A 1033 -14.46 47.75 -0.26
CA PRO A 1033 -13.66 46.89 -1.15
C PRO A 1033 -12.16 46.95 -0.89
N ALA A 1034 -11.62 48.11 -0.55
CA ALA A 1034 -10.20 48.27 -0.30
C ALA A 1034 -9.84 48.14 1.18
N TRP A 1035 -10.80 47.88 2.05
CA TRP A 1035 -10.50 47.73 3.46
C TRP A 1035 -9.56 46.54 3.67
N PRO A 1036 -8.58 46.65 4.60
CA PRO A 1036 -8.30 47.83 5.42
C PRO A 1036 -7.44 48.85 4.68
N HIS A 1037 -7.54 50.11 5.09
CA HIS A 1037 -6.82 51.20 4.45
C HIS A 1037 -5.69 51.71 5.32
N GLU A 1038 -5.92 51.77 6.63
CA GLU A 1038 -4.89 52.19 7.58
C GLU A 1038 -4.10 51.04 8.18
N GLY A 1039 -4.64 49.83 8.13
CA GLY A 1039 -3.97 48.70 8.76
C GLY A 1039 -3.95 48.75 10.27
N VAL A 1040 -5.05 49.15 10.88
CA VAL A 1040 -5.15 49.20 12.34
C VAL A 1040 -5.76 47.89 12.83
N ILE A 1041 -5.26 47.40 13.97
CA ILE A 1041 -5.74 46.15 14.54
C ILE A 1041 -6.07 46.40 16.02
N ILE A 1042 -7.15 45.79 16.48
CA ILE A 1042 -7.62 45.96 17.85
C ILE A 1042 -7.82 44.58 18.45
N PHE A 1043 -7.06 44.28 19.50
CA PHE A 1043 -7.21 43.04 20.25
C PHE A 1043 -7.81 43.37 21.61
N ASP A 1044 -8.89 42.68 21.98
CA ASP A 1044 -9.56 42.92 23.26
C ASP A 1044 -9.88 41.57 23.89
N ASN A 1045 -9.09 41.19 24.89
CA ASN A 1045 -9.32 39.99 25.67
C ASN A 1045 -9.47 38.76 24.77
N VAL A 1046 -8.59 38.66 23.78
CA VAL A 1046 -8.67 37.61 22.78
C VAL A 1046 -7.96 36.37 23.30
N ASN A 1047 -8.71 35.29 23.49
CA ASN A 1047 -8.15 34.00 23.90
C ASN A 1047 -8.25 33.02 22.74
N PHE A 1048 -7.23 32.18 22.59
CA PHE A 1048 -7.16 31.22 21.49
C PHE A 1048 -6.73 29.87 22.06
N MET A 1049 -7.16 28.80 21.39
CA MET A 1049 -6.92 27.45 21.86
C MET A 1049 -7.15 26.48 20.70
N TYR A 1050 -6.27 25.48 20.59
CA TYR A 1050 -6.26 24.61 19.42
C TYR A 1050 -7.62 24.00 19.13
N SER A 1051 -8.31 23.50 20.14
CA SER A 1051 -9.60 22.86 19.97
C SER A 1051 -10.47 23.06 21.20
N PRO A 1052 -11.78 23.20 21.02
CA PRO A 1052 -12.65 23.49 22.16
C PRO A 1052 -12.52 22.41 23.22
N GLY A 1053 -12.41 22.85 24.48
CA GLY A 1053 -12.14 21.93 25.57
C GLY A 1053 -10.68 21.64 25.81
N GLY A 1054 -9.78 22.18 24.97
CA GLY A 1054 -8.36 21.99 25.16
C GLY A 1054 -7.72 23.12 25.93
N PRO A 1055 -6.39 23.06 26.06
CA PRO A 1055 -5.66 24.13 26.73
C PRO A 1055 -5.68 25.43 25.93
N LEU A 1056 -5.60 26.55 26.64
CA LEU A 1056 -5.51 27.87 26.01
C LEU A 1056 -4.06 28.18 25.65
N VAL A 1057 -3.86 29.01 24.64
CA VAL A 1057 -2.52 29.48 24.28
C VAL A 1057 -2.40 30.99 24.36
N LEU A 1058 -3.51 31.71 24.18
CA LEU A 1058 -3.55 33.15 24.33
C LEU A 1058 -4.40 33.47 25.56
N LYS A 1059 -3.95 34.44 26.36
CA LYS A 1059 -4.49 34.67 27.69
C LYS A 1059 -4.86 36.14 27.82
N HIS A 1060 -6.17 36.41 27.83
CA HIS A 1060 -6.68 37.77 28.03
C HIS A 1060 -5.97 38.76 27.12
N LEU A 1061 -5.74 38.36 25.88
CA LEU A 1061 -4.90 39.12 24.97
C LEU A 1061 -5.61 40.42 24.58
N THR A 1062 -4.89 41.54 24.67
CA THR A 1062 -5.44 42.86 24.38
C THR A 1062 -4.30 43.78 23.97
N ALA A 1063 -4.43 44.43 22.82
CA ALA A 1063 -3.39 45.34 22.35
C ALA A 1063 -3.86 46.08 21.11
N LEU A 1064 -3.40 47.32 20.96
CA LEU A 1064 -3.72 48.15 19.81
C LEU A 1064 -2.54 48.16 18.86
N ILE A 1065 -2.80 48.18 17.56
CA ILE A 1065 -1.79 48.31 16.53
C ILE A 1065 -2.22 49.43 15.60
N LYS A 1066 -1.47 50.53 15.61
CA LYS A 1066 -1.81 51.70 14.82
C LYS A 1066 -1.40 51.51 13.36
N SER A 1067 -1.85 52.43 12.52
CA SER A 1067 -1.61 52.33 11.08
C SER A 1067 -0.11 52.32 10.79
N GLN A 1068 0.28 51.45 9.86
CA GLN A 1068 1.65 51.34 9.37
C GLN A 1068 2.67 51.09 10.48
N GLU A 1069 2.22 50.62 11.64
CA GLU A 1069 3.14 50.37 12.75
C GLU A 1069 3.98 49.12 12.47
N LYS A 1070 5.20 49.13 12.99
CA LYS A 1070 6.10 47.99 12.92
C LYS A 1070 6.21 47.39 14.32
N VAL A 1071 5.73 46.16 14.46
CA VAL A 1071 5.68 45.47 15.75
C VAL A 1071 6.37 44.12 15.61
N GLY A 1072 7.51 43.97 16.28
CA GLY A 1072 8.12 42.66 16.40
C GLY A 1072 7.40 41.82 17.45
N ILE A 1073 7.67 40.52 17.44
CA ILE A 1073 7.04 39.58 18.35
C ILE A 1073 8.10 38.61 18.83
N VAL A 1074 8.13 38.35 20.14
CA VAL A 1074 9.07 37.40 20.72
C VAL A 1074 8.34 36.48 21.69
N GLY A 1075 8.73 35.21 21.65
CA GLY A 1075 8.10 34.16 22.42
C GLY A 1075 8.44 32.80 21.84
N ARG A 1076 7.90 31.76 22.48
CA ARG A 1076 8.08 30.40 21.98
C ARG A 1076 6.98 30.06 20.97
N THR A 1077 7.40 29.33 19.92
CA THR A 1077 6.46 28.95 18.87
C THR A 1077 5.37 28.06 19.44
N GLY A 1078 4.12 28.44 19.20
CA GLY A 1078 2.99 27.76 19.76
C GLY A 1078 2.67 28.15 21.19
N ALA A 1079 3.54 28.92 21.84
CA ALA A 1079 3.25 29.45 23.17
C ALA A 1079 2.55 30.80 23.12
N GLY A 1080 2.19 31.27 21.93
CA GLY A 1080 1.57 32.56 21.75
C GLY A 1080 1.96 33.30 20.48
N LYS A 1081 3.06 32.91 19.83
CA LYS A 1081 3.41 33.54 18.56
C LYS A 1081 2.49 33.08 17.44
N SER A 1082 2.52 31.78 17.14
CA SER A 1082 1.71 31.26 16.03
C SER A 1082 0.23 31.25 16.35
N SER A 1083 -0.14 31.07 17.62
CA SER A 1083 -1.55 31.07 17.98
C SER A 1083 -2.18 32.43 17.73
N LEU A 1084 -1.47 33.52 18.00
CA LEU A 1084 -2.02 34.84 17.72
C LEU A 1084 -2.21 35.05 16.22
N ILE A 1085 -1.30 34.53 15.41
CA ILE A 1085 -1.48 34.61 13.96
C ILE A 1085 -2.72 33.82 13.54
N SER A 1086 -2.85 32.60 14.05
CA SER A 1086 -4.00 31.78 13.71
C SER A 1086 -5.30 32.47 14.10
N ALA A 1087 -5.33 33.09 15.29
CA ALA A 1087 -6.51 33.84 15.70
C ALA A 1087 -6.75 35.02 14.77
N LEU A 1088 -5.68 35.70 14.36
CA LEU A 1088 -5.81 36.83 13.44
C LEU A 1088 -6.41 36.37 12.11
N PHE A 1089 -5.96 35.23 11.61
CA PHE A 1089 -6.50 34.65 10.38
C PHE A 1089 -7.75 33.84 10.61
N ARG A 1090 -8.22 33.74 11.86
CA ARG A 1090 -9.39 32.94 12.21
C ARG A 1090 -9.26 31.52 11.69
N LEU A 1091 -8.09 30.91 11.93
CA LEU A 1091 -7.95 29.49 11.68
C LEU A 1091 -8.88 28.68 12.56
N SER A 1092 -8.97 29.05 13.84
CA SER A 1092 -10.03 28.60 14.75
C SER A 1092 -10.54 29.82 15.49
N GLU A 1093 -11.85 30.02 15.45
CA GLU A 1093 -12.43 31.25 15.97
C GLU A 1093 -12.03 31.43 17.42
N PRO A 1094 -11.41 32.55 17.80
CA PRO A 1094 -10.98 32.70 19.19
C PRO A 1094 -12.03 33.39 20.02
N GLU A 1095 -11.86 33.32 21.33
CA GLU A 1095 -12.63 34.13 22.25
C GLU A 1095 -12.15 35.57 22.14
N GLY A 1096 -12.87 36.49 22.78
CA GLY A 1096 -12.50 37.88 22.75
C GLY A 1096 -12.92 38.55 21.45
N LYS A 1097 -12.39 39.76 21.25
CA LYS A 1097 -12.86 40.65 20.21
C LYS A 1097 -11.67 41.15 19.40
N ILE A 1098 -11.71 40.97 18.08
CA ILE A 1098 -10.69 41.52 17.18
C ILE A 1098 -11.38 42.45 16.18
N TRP A 1099 -10.98 43.72 16.18
CA TRP A 1099 -11.46 44.68 15.20
C TRP A 1099 -10.34 45.03 14.23
N ILE A 1100 -10.71 45.45 13.02
CA ILE A 1100 -9.78 46.06 12.08
C ILE A 1100 -10.49 47.23 11.41
N ASP A 1101 -10.02 48.43 11.69
CA ASP A 1101 -10.56 49.66 11.09
C ASP A 1101 -12.06 49.75 11.36
N LYS A 1102 -12.46 49.42 12.59
CA LYS A 1102 -13.86 49.35 13.02
C LYS A 1102 -14.62 48.20 12.39
N ILE A 1103 -13.94 47.12 11.98
CA ILE A 1103 -14.60 45.94 11.44
C ILE A 1103 -14.06 44.68 12.12
N LEU A 1104 -14.98 43.82 12.58
CA LEU A 1104 -14.64 42.59 13.30
C LEU A 1104 -14.19 41.50 12.33
N THR A 1105 -13.20 40.70 12.75
CA THR A 1105 -12.79 39.54 11.96
C THR A 1105 -13.88 38.50 11.86
N THR A 1106 -14.51 38.14 12.99
CA THR A 1106 -15.41 36.99 13.03
C THR A 1106 -16.72 37.21 12.29
N GLU A 1107 -17.15 38.45 12.08
CA GLU A 1107 -18.41 38.67 11.38
C GLU A 1107 -18.23 38.92 9.89
N ILE A 1108 -17.00 38.81 9.38
CA ILE A 1108 -16.74 39.00 7.96
C ILE A 1108 -16.35 37.65 7.36
N GLY A 1109 -16.57 37.50 6.07
CA GLY A 1109 -16.22 36.26 5.40
C GLY A 1109 -14.74 35.94 5.53
N LEU A 1110 -14.45 34.64 5.59
CA LEU A 1110 -13.09 34.21 5.88
C LEU A 1110 -12.10 34.74 4.84
N HIS A 1111 -12.43 34.61 3.56
CA HIS A 1111 -11.55 35.18 2.54
C HIS A 1111 -11.46 36.69 2.65
N ASP A 1112 -12.59 37.38 2.84
CA ASP A 1112 -12.54 38.84 2.83
C ASP A 1112 -11.64 39.34 3.97
N LEU A 1113 -11.37 38.49 4.95
CA LEU A 1113 -10.36 38.80 5.96
C LEU A 1113 -8.97 38.39 5.49
N ARG A 1114 -8.80 37.13 5.11
CA ARG A 1114 -7.47 36.59 4.89
C ARG A 1114 -6.80 37.17 3.64
N LYS A 1115 -7.54 37.28 2.54
CA LYS A 1115 -6.99 37.84 1.31
C LYS A 1115 -6.33 39.19 1.55
N LYS A 1116 -7.01 40.08 2.26
CA LYS A 1116 -6.50 41.42 2.52
C LYS A 1116 -5.40 41.44 3.56
N MET A 1117 -4.99 40.29 4.07
CA MET A 1117 -3.82 40.16 4.92
C MET A 1117 -2.75 39.37 4.19
N SER A 1118 -1.52 39.85 4.29
CA SER A 1118 -0.37 39.18 3.68
C SER A 1118 0.52 38.63 4.78
N ILE A 1119 1.03 37.42 4.57
CA ILE A 1119 1.79 36.71 5.59
C ILE A 1119 2.94 35.96 4.92
N ILE A 1120 4.05 35.83 5.65
CA ILE A 1120 5.16 34.98 5.25
C ILE A 1120 5.28 33.86 6.29
N PRO A 1121 5.12 32.60 5.92
CA PRO A 1121 5.15 31.52 6.90
C PRO A 1121 6.57 31.19 7.34
N GLN A 1122 6.66 30.36 8.38
CA GLN A 1122 7.96 29.84 8.81
C GLN A 1122 8.64 29.12 7.66
N GLU A 1123 7.92 28.22 7.01
CA GLU A 1123 8.43 27.52 5.84
C GLU A 1123 7.67 28.01 4.62
N PRO A 1124 8.32 28.69 3.66
CA PRO A 1124 7.61 29.11 2.46
C PRO A 1124 7.35 27.95 1.52
N VAL A 1125 6.08 27.71 1.19
CA VAL A 1125 5.71 26.56 0.37
C VAL A 1125 5.50 27.02 -1.07
N LEU A 1126 6.13 26.32 -2.01
CA LEU A 1126 5.84 26.47 -3.43
C LEU A 1126 4.97 25.31 -3.88
N PHE A 1127 4.11 25.58 -4.86
CA PHE A 1127 3.21 24.58 -5.39
C PHE A 1127 3.56 24.24 -6.83
N THR A 1128 3.49 22.96 -7.15
CA THR A 1128 3.86 22.49 -8.48
C THR A 1128 2.97 23.14 -9.53
N GLY A 1129 3.58 23.49 -10.67
CA GLY A 1129 2.92 24.16 -11.76
C GLY A 1129 3.78 25.29 -12.28
N THR A 1130 3.13 26.25 -12.94
CA THR A 1130 3.84 27.38 -13.51
C THR A 1130 4.18 28.39 -12.43
N MET A 1131 5.26 29.15 -12.66
CA MET A 1131 5.61 30.24 -11.76
C MET A 1131 4.45 31.21 -11.62
N ARG A 1132 3.63 31.34 -12.66
CA ARG A 1132 2.49 32.25 -12.61
C ARG A 1132 1.48 31.80 -11.55
N LYS A 1133 1.25 30.49 -11.44
CA LYS A 1133 0.40 29.99 -10.37
C LYS A 1133 0.95 30.38 -9.01
N ASN A 1134 2.23 30.08 -8.75
CA ASN A 1134 2.83 30.47 -7.48
C ASN A 1134 2.74 31.97 -7.26
N LEU A 1135 2.72 32.76 -8.34
CA LEU A 1135 2.67 34.20 -8.19
C LEU A 1135 1.23 34.73 -8.24
N ASP A 1136 0.52 34.47 -9.35
CA ASP A 1136 -0.86 34.90 -9.50
C ASP A 1136 -1.66 33.74 -10.07
N PRO A 1137 -2.16 32.84 -9.21
CA PRO A 1137 -2.94 31.70 -9.70
C PRO A 1137 -4.32 32.06 -10.22
N PHE A 1138 -4.78 33.29 -10.01
CA PHE A 1138 -6.04 33.76 -10.58
C PHE A 1138 -5.85 34.50 -11.89
N ASN A 1139 -4.60 34.88 -12.24
CA ASN A 1139 -4.32 35.67 -13.42
C ASN A 1139 -5.15 36.95 -13.42
N GLU A 1140 -5.26 37.57 -12.24
CA GLU A 1140 -5.94 38.86 -12.12
C GLU A 1140 -5.01 40.02 -12.43
N HIS A 1141 -3.74 39.74 -12.73
CA HIS A 1141 -2.74 40.77 -12.90
C HIS A 1141 -1.95 40.52 -14.18
N THR A 1142 -1.13 41.48 -14.57
CA THR A 1142 -0.37 41.40 -15.81
C THR A 1142 1.08 41.04 -15.54
N ASP A 1143 1.78 40.67 -16.61
CA ASP A 1143 3.16 40.20 -16.47
C ASP A 1143 4.09 41.31 -15.98
N GLU A 1144 3.72 42.56 -16.20
CA GLU A 1144 4.58 43.67 -15.78
C GLU A 1144 4.80 43.66 -14.28
N GLU A 1145 3.72 43.56 -13.51
CA GLU A 1145 3.87 43.50 -12.06
C GLU A 1145 4.60 42.24 -11.62
N LEU A 1146 4.37 41.13 -12.33
CA LEU A 1146 5.08 39.89 -12.01
C LEU A 1146 6.58 40.10 -12.12
N TRP A 1147 7.04 40.72 -13.21
CA TRP A 1147 8.47 40.92 -13.37
C TRP A 1147 8.99 42.01 -12.44
N ASN A 1148 8.17 43.01 -12.11
CA ASN A 1148 8.57 43.96 -11.09
C ASN A 1148 8.88 43.23 -9.78
N ALA A 1149 7.97 42.36 -9.36
CA ALA A 1149 8.19 41.61 -8.12
C ALA A 1149 9.41 40.71 -8.22
N LEU A 1150 9.57 40.02 -9.36
CA LEU A 1150 10.70 39.10 -9.49
C LEU A 1150 12.03 39.85 -9.53
N GLN A 1151 12.03 41.08 -10.05
CA GLN A 1151 13.23 41.92 -9.95
C GLN A 1151 13.47 42.35 -8.51
N GLU A 1152 12.42 42.74 -7.80
CA GLU A 1152 12.59 43.15 -6.41
C GLU A 1152 13.30 42.09 -5.59
N VAL A 1153 13.00 40.81 -5.84
CA VAL A 1153 13.62 39.73 -5.08
C VAL A 1153 14.92 39.32 -5.77
N GLN A 1154 15.25 39.97 -6.89
CA GLN A 1154 16.46 39.68 -7.65
C GLN A 1154 16.56 38.21 -8.03
N LEU A 1155 15.41 37.55 -8.19
CA LEU A 1155 15.33 36.27 -8.88
C LEU A 1155 14.90 36.44 -10.33
N LYS A 1156 14.87 37.68 -10.83
CA LYS A 1156 14.52 37.93 -12.22
C LYS A 1156 15.46 37.18 -13.15
N GLU A 1157 16.77 37.24 -12.87
CA GLU A 1157 17.72 36.48 -13.67
C GLU A 1157 17.52 34.99 -13.48
N THR A 1158 17.17 34.57 -12.26
CA THR A 1158 16.99 33.15 -11.99
C THR A 1158 15.87 32.56 -12.85
N ILE A 1159 14.82 33.35 -13.11
CA ILE A 1159 13.69 32.82 -13.88
C ILE A 1159 13.87 33.08 -15.37
N GLU A 1160 14.27 34.30 -15.76
CA GLU A 1160 14.43 34.58 -17.18
C GLU A 1160 15.46 33.66 -17.84
N ASP A 1161 16.38 33.10 -17.05
CA ASP A 1161 17.33 32.14 -17.58
C ASP A 1161 16.74 30.75 -17.67
N LEU A 1162 15.41 30.62 -17.56
CA LEU A 1162 14.75 29.33 -17.65
C LEU A 1162 13.85 29.29 -18.89
N PRO A 1163 13.62 28.10 -19.46
CA PRO A 1163 12.87 28.03 -20.72
C PRO A 1163 11.45 28.59 -20.64
N GLY A 1164 10.83 28.56 -19.47
CA GLY A 1164 9.43 28.90 -19.32
C GLY A 1164 9.20 30.15 -18.49
N LYS A 1165 9.96 31.21 -18.77
CA LYS A 1165 10.13 32.33 -17.84
C LYS A 1165 8.88 32.60 -17.01
N MET A 1166 7.73 32.79 -17.67
CA MET A 1166 6.48 32.91 -16.92
C MET A 1166 5.69 31.61 -16.88
N ASP A 1167 6.08 30.62 -17.67
CA ASP A 1167 5.48 29.30 -17.63
C ASP A 1167 6.44 28.24 -17.09
N THR A 1168 7.45 28.66 -16.33
CA THR A 1168 8.46 27.71 -15.86
C THR A 1168 7.82 26.70 -14.91
N GLU A 1169 7.68 25.47 -15.39
CA GLU A 1169 7.12 24.40 -14.58
C GLU A 1169 8.19 23.88 -13.63
N LEU A 1170 7.98 24.10 -12.34
CA LEU A 1170 9.00 23.79 -11.34
C LEU A 1170 8.92 22.32 -10.94
N ALA A 1171 10.01 21.81 -10.39
CA ALA A 1171 10.02 20.47 -9.83
C ALA A 1171 9.09 20.42 -8.61
N GLU A 1172 8.93 19.21 -8.06
CA GLU A 1172 8.08 19.02 -6.91
C GLU A 1172 8.46 20.00 -5.80
N SER A 1173 7.50 20.83 -5.41
CA SER A 1173 7.69 21.91 -4.45
C SER A 1173 8.94 22.74 -4.77
N GLY A 1174 9.28 22.89 -6.05
CA GLY A 1174 10.53 23.53 -6.40
C GLY A 1174 11.74 22.84 -5.83
N SER A 1175 11.72 21.50 -5.78
CA SER A 1175 12.82 20.76 -5.17
C SER A 1175 14.17 21.12 -5.80
N ASN A 1176 14.16 21.69 -7.00
CA ASN A 1176 15.37 22.28 -7.56
C ASN A 1176 15.52 23.76 -7.24
N PHE A 1177 14.92 24.21 -6.13
CA PHE A 1177 15.10 25.56 -5.63
C PHE A 1177 15.68 25.50 -4.22
N SER A 1178 16.33 26.58 -3.81
CA SER A 1178 16.82 26.68 -2.44
C SER A 1178 15.74 27.28 -1.54
N VAL A 1179 15.93 27.11 -0.23
CA VAL A 1179 14.97 27.67 0.73
C VAL A 1179 14.86 29.18 0.51
N GLY A 1180 15.99 29.84 0.28
CA GLY A 1180 15.96 31.27 0.02
C GLY A 1180 15.13 31.62 -1.21
N GLN A 1181 15.22 30.80 -2.25
CA GLN A 1181 14.47 31.09 -3.48
C GLN A 1181 12.97 30.96 -3.25
N ARG A 1182 12.54 29.93 -2.52
CA ARG A 1182 11.13 29.79 -2.18
C ARG A 1182 10.65 30.94 -1.31
N GLN A 1183 11.47 31.33 -0.33
CA GLN A 1183 11.13 32.48 0.50
C GLN A 1183 11.00 33.74 -0.35
N LEU A 1184 11.88 33.91 -1.33
CA LEU A 1184 11.82 35.07 -2.21
C LEU A 1184 10.58 35.03 -3.08
N VAL A 1185 10.15 33.84 -3.51
CA VAL A 1185 8.91 33.73 -4.26
C VAL A 1185 7.74 34.17 -3.40
N CYS A 1186 7.72 33.74 -2.13
CA CYS A 1186 6.68 34.21 -1.22
C CYS A 1186 6.74 35.72 -1.03
N LEU A 1187 7.96 36.28 -0.96
CA LEU A 1187 8.11 37.72 -0.86
C LEU A 1187 7.54 38.43 -2.09
N ALA A 1188 7.78 37.87 -3.28
CA ALA A 1188 7.21 38.45 -4.49
C ALA A 1188 5.69 38.40 -4.44
N ARG A 1189 5.15 37.28 -3.95
CA ARG A 1189 3.70 37.19 -3.77
C ARG A 1189 3.18 38.31 -2.87
N ALA A 1190 3.83 38.49 -1.73
CA ALA A 1190 3.40 39.53 -0.80
C ALA A 1190 3.49 40.91 -1.42
N ILE A 1191 4.59 41.18 -2.13
CA ILE A 1191 4.74 42.46 -2.81
C ILE A 1191 3.59 42.67 -3.80
N LEU A 1192 3.25 41.64 -4.56
CA LEU A 1192 2.17 41.76 -5.53
C LEU A 1192 0.83 42.00 -4.85
N ARG A 1193 0.63 41.40 -3.67
CA ARG A 1193 -0.64 41.58 -2.97
C ARG A 1193 -0.90 43.04 -2.61
N LYS A 1194 0.10 43.76 -2.12
CA LYS A 1194 -0.05 45.18 -1.80
C LYS A 1194 -1.09 45.38 -0.69
N ASN A 1195 -1.20 44.40 0.20
CA ASN A 1195 -2.11 44.51 1.32
C ASN A 1195 -1.58 45.51 2.35
N GLN A 1196 -2.49 46.01 3.18
CA GLN A 1196 -2.12 47.05 4.15
C GLN A 1196 -1.52 46.49 5.43
N ILE A 1197 -1.50 45.17 5.60
CA ILE A 1197 -0.92 44.54 6.79
C ILE A 1197 -0.08 43.37 6.33
N LEU A 1198 1.12 43.24 6.90
CA LEU A 1198 2.05 42.16 6.58
C LEU A 1198 2.36 41.40 7.86
N ILE A 1199 2.46 40.07 7.74
CA ILE A 1199 2.75 39.20 8.87
C ILE A 1199 3.91 38.30 8.47
N ILE A 1200 4.89 38.16 9.35
CA ILE A 1200 6.06 37.32 9.12
C ILE A 1200 6.23 36.44 10.35
N ASP A 1201 6.20 35.13 10.14
CA ASP A 1201 6.33 34.17 11.24
C ASP A 1201 7.61 33.37 11.02
N GLU A 1202 8.67 33.75 11.73
CA GLU A 1202 9.97 33.08 11.64
C GLU A 1202 10.35 32.78 10.19
N ALA A 1203 10.03 33.73 9.31
CA ALA A 1203 10.54 33.64 7.95
C ALA A 1203 12.06 33.67 7.93
N THR A 1204 12.66 34.37 8.88
CA THR A 1204 14.12 34.40 9.06
C THR A 1204 14.54 33.39 10.13
N ALA A 1205 14.39 32.12 9.80
CA ALA A 1205 14.74 31.02 10.70
C ALA A 1205 15.60 29.95 10.03
N ASN A 1206 15.41 29.75 8.72
CA ASN A 1206 16.13 28.72 7.98
C ASN A 1206 16.66 29.32 6.67
N VAL A 1207 17.27 30.50 6.78
CA VAL A 1207 17.78 31.23 5.62
C VAL A 1207 19.24 31.58 5.87
N ASP A 1208 19.98 31.72 4.78
CA ASP A 1208 21.37 32.14 4.88
C ASP A 1208 21.43 33.61 5.31
N PRO A 1209 22.47 34.02 6.05
CA PRO A 1209 22.51 35.41 6.54
C PRO A 1209 22.47 36.45 5.42
N ARG A 1210 23.10 36.15 4.29
CA ARG A 1210 23.20 37.15 3.24
C ARG A 1210 21.85 37.44 2.59
N THR A 1211 21.22 36.42 2.01
CA THR A 1211 19.88 36.62 1.45
C THR A 1211 18.89 36.99 2.54
N ASP A 1212 19.15 36.57 3.79
CA ASP A 1212 18.31 37.00 4.91
C ASP A 1212 18.30 38.52 5.02
N GLU A 1213 19.49 39.12 5.11
CA GLU A 1213 19.57 40.57 5.23
C GLU A 1213 19.06 41.25 3.97
N LEU A 1214 19.25 40.61 2.81
CA LEU A 1214 18.72 41.17 1.57
C LEU A 1214 17.19 41.23 1.65
N ILE A 1215 16.56 40.15 2.10
CA ILE A 1215 15.10 40.13 2.27
C ILE A 1215 14.67 41.18 3.27
N GLN A 1216 15.46 41.35 4.34
CA GLN A 1216 15.14 42.40 5.31
C GLN A 1216 15.14 43.77 4.64
N LYS A 1217 16.15 44.03 3.81
CA LYS A 1217 16.17 45.26 3.02
C LYS A 1217 14.89 45.42 2.22
N LYS A 1218 14.50 44.38 1.47
CA LYS A 1218 13.35 44.51 0.60
C LYS A 1218 12.08 44.76 1.41
N ILE A 1219 11.91 44.04 2.51
CA ILE A 1219 10.70 44.19 3.31
C ILE A 1219 10.63 45.57 3.93
N ARG A 1220 11.76 46.06 4.45
CA ARG A 1220 11.76 47.37 5.11
C ARG A 1220 11.61 48.50 4.10
N GLU A 1221 11.99 48.26 2.84
CA GLU A 1221 11.85 49.30 1.83
C GLU A 1221 10.44 49.33 1.25
N LYS A 1222 9.89 48.16 0.92
CA LYS A 1222 8.62 48.10 0.21
C LYS A 1222 7.40 48.21 1.12
N PHE A 1223 7.39 47.50 2.25
CA PHE A 1223 6.24 47.48 3.14
C PHE A 1223 6.28 48.57 4.19
N ALA A 1224 7.02 49.65 3.92
CA ALA A 1224 7.08 50.75 4.88
C ALA A 1224 5.69 51.34 5.13
N HIS A 1225 4.92 51.56 4.07
CA HIS A 1225 3.59 52.13 4.16
C HIS A 1225 2.56 51.19 4.77
N CYS A 1226 2.90 49.92 4.96
CA CYS A 1226 2.00 48.95 5.55
C CYS A 1226 2.41 48.62 6.98
N THR A 1227 1.43 48.29 7.80
CA THR A 1227 1.71 47.79 9.14
C THR A 1227 2.43 46.45 9.02
N VAL A 1228 3.41 46.22 9.89
CA VAL A 1228 4.28 45.06 9.81
C VAL A 1228 4.29 44.35 11.15
N LEU A 1229 4.08 43.03 11.12
CA LEU A 1229 4.25 42.17 12.28
C LEU A 1229 5.40 41.21 11.97
N THR A 1230 6.40 41.18 12.83
CA THR A 1230 7.61 40.39 12.62
C THR A 1230 7.78 39.45 13.80
N ILE A 1231 8.04 38.17 13.49
CA ILE A 1231 8.26 37.15 14.49
C ILE A 1231 9.59 36.48 14.20
N ALA A 1232 10.63 36.88 14.93
CA ALA A 1232 11.99 36.52 14.59
C ALA A 1232 12.76 36.03 15.81
N HIS A 1233 13.80 35.24 15.54
CA HIS A 1233 14.77 34.84 16.55
C HIS A 1233 16.11 35.57 16.39
N ARG A 1234 16.30 36.28 15.28
CA ARG A 1234 17.49 37.08 15.04
C ARG A 1234 17.14 38.54 15.33
N LEU A 1235 17.91 39.19 16.20
CA LEU A 1235 17.50 40.48 16.73
C LEU A 1235 17.75 41.60 15.74
N ASN A 1236 18.60 41.38 14.73
CA ASN A 1236 18.73 42.35 13.66
C ASN A 1236 17.40 42.57 12.95
N THR A 1237 16.52 41.58 12.98
CA THR A 1237 15.20 41.65 12.34
C THR A 1237 14.30 42.71 12.94
N ILE A 1238 14.51 43.10 14.20
CA ILE A 1238 13.54 43.92 14.93
C ILE A 1238 14.09 45.29 15.29
N ILE A 1239 15.26 45.69 14.78
CA ILE A 1239 15.79 47.01 15.10
C ILE A 1239 14.89 48.12 14.60
N ASP A 1240 14.08 47.84 13.59
CA ASP A 1240 13.12 48.81 13.05
C ASP A 1240 11.82 48.83 13.83
N SER A 1241 11.69 48.00 14.86
CA SER A 1241 10.42 47.85 15.55
C SER A 1241 9.91 49.17 16.10
N ASP A 1242 8.64 49.46 15.82
CA ASP A 1242 7.94 50.52 16.55
C ASP A 1242 7.54 50.03 17.93
N LYS A 1243 7.20 48.75 18.05
CA LYS A 1243 6.96 48.12 19.34
C LYS A 1243 7.40 46.67 19.27
N ILE A 1244 7.50 46.03 20.43
CA ILE A 1244 7.83 44.61 20.52
C ILE A 1244 6.85 43.96 21.48
N MET A 1245 6.16 42.92 21.00
CA MET A 1245 5.25 42.14 21.81
C MET A 1245 6.01 40.98 22.44
N VAL A 1246 6.35 41.12 23.71
CA VAL A 1246 7.02 40.06 24.47
C VAL A 1246 5.93 39.20 25.08
N LEU A 1247 5.94 37.91 24.76
CA LEU A 1247 4.92 36.99 25.27
C LEU A 1247 5.54 36.06 26.30
N ASP A 1248 4.99 36.08 27.51
CA ASP A 1248 5.34 35.16 28.56
C ASP A 1248 4.19 34.18 28.74
N SER A 1249 4.41 32.94 28.35
CA SER A 1249 3.36 31.91 28.42
C SER A 1249 2.12 32.37 27.68
N GLY A 1250 2.32 33.07 26.56
CA GLY A 1250 1.23 33.57 25.74
C GLY A 1250 0.63 34.88 26.19
N ARG A 1251 1.19 35.52 27.21
CA ARG A 1251 0.69 36.79 27.70
C ARG A 1251 1.58 37.93 27.23
N LEU A 1252 0.97 38.93 26.58
CA LEU A 1252 1.72 40.10 26.16
C LEU A 1252 2.07 40.92 27.39
N LYS A 1253 3.27 40.67 27.94
CA LYS A 1253 3.64 41.29 29.21
C LYS A 1253 4.33 42.63 29.02
N GLU A 1254 5.23 42.72 28.04
CA GLU A 1254 5.89 43.98 27.70
C GLU A 1254 5.40 44.42 26.34
N TYR A 1255 4.83 45.63 26.28
CA TYR A 1255 4.32 46.18 25.02
C TYR A 1255 4.70 47.65 24.99
N ASP A 1256 5.89 47.93 24.45
CA ASP A 1256 6.40 49.29 24.31
C ASP A 1256 7.43 49.27 23.20
N GLU A 1257 8.17 50.37 23.08
CA GLU A 1257 9.24 50.41 22.09
C GLU A 1257 10.46 49.69 22.63
N PRO A 1258 11.30 49.12 21.75
CA PRO A 1258 12.34 48.18 22.24
C PRO A 1258 13.29 48.77 23.28
N TYR A 1259 13.93 49.90 22.97
CA TYR A 1259 14.92 50.42 23.91
C TYR A 1259 14.27 50.80 25.23
N VAL A 1260 13.01 51.23 25.21
CA VAL A 1260 12.31 51.52 26.45
C VAL A 1260 12.19 50.26 27.30
N LEU A 1261 11.87 49.13 26.66
CA LEU A 1261 11.84 47.86 27.39
C LEU A 1261 13.22 47.49 27.90
N LEU A 1262 14.27 47.82 27.15
CA LEU A 1262 15.63 47.58 27.62
C LEU A 1262 16.03 48.48 28.78
N GLN A 1263 15.40 49.65 28.90
CA GLN A 1263 15.71 50.53 30.03
C GLN A 1263 15.42 49.85 31.36
N ASN A 1264 14.28 49.17 31.45
CA ASN A 1264 14.01 48.28 32.58
C ASN A 1264 14.76 46.98 32.30
N LYS A 1265 16.03 46.94 32.69
CA LYS A 1265 16.89 45.82 32.30
C LYS A 1265 16.46 44.51 32.94
N GLU A 1266 15.55 44.55 33.92
CA GLU A 1266 14.90 43.34 34.39
C GLU A 1266 13.94 42.76 33.36
N SER A 1267 13.66 43.50 32.28
CA SER A 1267 12.74 43.02 31.25
C SER A 1267 13.28 41.76 30.59
N LEU A 1268 12.36 40.88 30.19
CA LEU A 1268 12.73 39.65 29.52
C LEU A 1268 13.45 39.94 28.21
N PHE A 1269 13.08 41.04 27.55
CA PHE A 1269 13.78 41.45 26.32
C PHE A 1269 15.26 41.64 26.59
N TYR A 1270 15.60 42.30 27.70
CA TYR A 1270 17.00 42.50 28.05
C TYR A 1270 17.69 41.16 28.32
N LYS A 1271 17.00 40.25 29.01
CA LYS A 1271 17.59 38.94 29.27
C LYS A 1271 17.93 38.21 27.98
N MET A 1272 16.97 38.15 27.05
CA MET A 1272 17.20 37.46 25.79
C MET A 1272 18.31 38.14 25.00
N VAL A 1273 18.33 39.48 25.01
CA VAL A 1273 19.37 40.19 24.27
C VAL A 1273 20.75 39.88 24.85
N GLN A 1274 20.88 39.86 26.17
CA GLN A 1274 22.16 39.52 26.79
C GLN A 1274 22.53 38.05 26.56
N GLN A 1275 21.54 37.18 26.37
CA GLN A 1275 21.85 35.77 26.17
C GLN A 1275 22.69 35.53 24.92
N LEU A 1276 22.70 36.48 23.98
CA LEU A 1276 23.53 36.33 22.79
C LEU A 1276 24.96 36.82 23.00
N GLY A 1277 25.25 37.45 24.13
CA GLY A 1277 26.57 38.00 24.40
C GLY A 1277 26.51 39.48 24.75
N LYS A 1278 27.31 39.86 25.75
CA LYS A 1278 27.27 41.23 26.25
C LYS A 1278 27.75 42.22 25.18
N ALA A 1279 28.70 41.82 24.35
CA ALA A 1279 29.15 42.70 23.28
C ALA A 1279 28.01 43.02 22.32
N GLU A 1280 27.45 41.98 21.68
CA GLU A 1280 26.35 42.19 20.75
C GLU A 1280 25.12 42.74 21.48
N ALA A 1281 24.94 42.36 22.74
CA ALA A 1281 23.79 42.88 23.50
C ALA A 1281 23.89 44.39 23.69
N ALA A 1282 25.06 44.88 24.10
CA ALA A 1282 25.25 46.32 24.26
C ALA A 1282 25.16 47.04 22.92
N ALA A 1283 25.72 46.44 21.87
CA ALA A 1283 25.60 47.05 20.55
C ALA A 1283 24.14 47.17 20.13
N LEU A 1284 23.36 46.12 20.37
CA LEU A 1284 21.95 46.14 20.02
C LEU A 1284 21.20 47.17 20.84
N THR A 1285 21.51 47.29 22.13
CA THR A 1285 20.86 48.29 22.96
C THR A 1285 21.15 49.70 22.47
N GLU A 1286 22.42 49.97 22.13
CA GLU A 1286 22.79 51.29 21.61
C GLU A 1286 22.09 51.57 20.29
N THR A 1287 22.03 50.56 19.40
CA THR A 1287 21.35 50.75 18.13
C THR A 1287 19.85 50.99 18.34
N ALA A 1288 19.26 50.30 19.30
CA ALA A 1288 17.85 50.49 19.60
C ALA A 1288 17.59 51.90 20.10
N LYS A 1289 18.44 52.40 20.99
CA LYS A 1289 18.29 53.78 21.45
C LYS A 1289 18.45 54.76 20.29
N GLN A 1290 19.44 54.51 19.43
CA GLN A 1290 19.67 55.40 18.30
C GLN A 1290 18.45 55.44 17.38
N VAL A 1291 17.87 54.28 17.09
CA VAL A 1291 16.70 54.24 16.20
C VAL A 1291 15.49 54.86 16.88
N TYR A 1292 15.34 54.62 18.18
CA TYR A 1292 14.27 55.26 18.94
C TYR A 1292 14.31 56.76 18.78
N PHE A 1293 15.48 57.36 19.03
CA PHE A 1293 15.59 58.81 18.94
C PHE A 1293 15.53 59.29 17.49
N LYS A 1294 16.03 58.49 16.55
CA LYS A 1294 15.94 58.84 15.14
C LYS A 1294 14.51 58.95 14.68
N ARG A 1295 13.66 57.99 15.05
CA ARG A 1295 12.25 58.06 14.70
C ARG A 1295 11.55 59.17 15.45
N ASN A 1296 11.56 59.11 16.78
CA ASN A 1296 10.81 60.06 17.59
C ASN A 1296 11.36 61.48 17.52
N TYR A 1297 12.67 61.65 17.37
CA TYR A 1297 13.29 62.97 17.39
C TYR A 1297 14.38 63.04 16.31
N PRO A 1298 14.00 63.24 15.04
CA PRO A 1298 14.99 63.35 13.97
C PRO A 1298 15.84 64.61 14.07
O1 AIN B . -16.30 -13.45 -13.24
C7 AIN B . -17.16 -14.20 -12.70
O2 AIN B . -18.38 -13.92 -12.81
C3 AIN B . -16.71 -15.44 -11.93
C4 AIN B . -15.60 -15.38 -11.12
C5 AIN B . -15.18 -16.49 -10.42
C6 AIN B . -15.87 -17.68 -10.52
C1 AIN B . -16.99 -17.76 -11.34
C2 AIN B . -17.41 -16.64 -12.05
O3 AIN B . -18.53 -16.72 -12.87
C8 AIN B . -19.73 -16.29 -12.26
O4 AIN B . -19.71 -15.99 -11.12
C9 AIN B . -21.01 -16.19 -13.06
#